data_7W57
#
_entry.id   7W57
#
_cell.length_a   1.00
_cell.length_b   1.00
_cell.length_c   1.00
_cell.angle_alpha   90.00
_cell.angle_beta   90.00
_cell.angle_gamma   90.00
#
_symmetry.space_group_name_H-M   'P 1'
#
loop_
_entity.id
_entity.type
_entity.pdbx_description
1 polymer 'Guanine nucleotide-binding protein G(q) subunit alpha'
2 polymer 'Guanine nucleotide-binding protein G(I)/G(S)/G(T) subunit beta-1'
3 polymer Neuromedin-S
4 polymer scFv16
5 polymer 'Guanine nucleotide-binding protein G(I)/G(S)/G(O) subunit gamma-2'
6 polymer 'Neuromedin-U receptor 2'
#
loop_
_entity_poly.entity_id
_entity_poly.type
_entity_poly.pdbx_seq_one_letter_code
_entity_poly.pdbx_strand_id
1 'polypeptide(L)'
;MGCTLSAEDKAAVERSKMIEKQLQKDKQVYRRTLRLLLLGADNSGKSTIVKQMRIYHVNGYSEEECKQYKAVVYSNTIQS
IIAIIRAMGRLKIDFGDSARADDARQLFVLAGAAEEGFMTAELAGVIKRLWKDSGVQACFNRSREYQLNDSAAYYLNDLD
RIAQPNYIPTQQDVLRTRVKTSGIFETKFQVDKVNFHMFDVGAQRDERRKWIQCFNDVTAIIFVVDSSDYNRLQEALNDF
KSIWNNRWLRTISVILFLNKQDLLAEKVLAGKSKIEDYFPEFARYTTPEDATPEPGEDPRVTRAKYFIRKEFVDISTASG
DGRHICYPHFTCSVDTENARRIFNDCKDIILQMNLREYNLV
;
A
2 'polypeptide(L)'
;MGSLLQSELDQLRQEAEQLKNQIRDARKACADATLSQITNNIDPVGRIQMRTRRTLRGHLAKIYAMHWGTDSRLLVSASQ
DGKLIIWDSYTTNKVHAIPLRSSWVMTCAYAPSGNYVACGGLDNICSIYNLKTREGNVRVSRELAGHTGYLSCCRFLDDN
QIVTSSGDTTCALWDIETGQQTTTFTGHTGDVMSLSLAPDTRLFVSGACDASAKLWDVREGMCRQTFTGHESDINAICFF
PNGNAFATGSDDATCRLFDLRADQELMTYSHDNIICGITSVSFSKSGRLLLAGYDDFNCNVWDALKADRAGVLAGHDNRV
SCLGVTDDGMAVATGSWDSFLKIWN
;
B
3 'polypeptide(L)' ILQRGSGTAAVDFTKKDHTATWGRPFFLFRPRNQ C
4 'polypeptide(L)'
;DVQLVESGGGLVQPGGSRKLSCSASGFAFSSFGMHWVRQAPEKGLEWVAYISSGSGTIYYADTVKGRFTISRDDPKNTLF
LQMTSLRSEDTAMYYCVRSIYYYGSSPFDFWGQGTTLTVSSGGGGSGGGGSGGGSSDIVMTQATSSVPVTPGESVSISCR
SSKSLLHSNGNTYLYWFLQRPGQSPQLLIYRMSNLASGVPDRFSGSGSGTAFTLTISRLEAEDVGVYYCMQHLEYPLTFG
AGTKLELK
;
E
5 'polypeptide(L)' ASNNTASIAQARKLVEQLKMEANIDRIKVSKAAADLMAYCEAHAKEDPLLTPVPASENPFREKKFFCAIL G
6 'polypeptide(L)'
;MKTIIALSYIFCLVFADYKDDDDAKLQTMHHHHHHHHHHADLEDNWETLNDNLKVIEKADNAAQVKDALTKMRAAALDAQ
KATPPKLEDKSPDSPEMKDFRHGFDILVGQIDDALKLANEGKVKEAQAAAEQLKTTRNAYIQKYLASENLYFQGGTMSGM
EKLQNASWIYQQKLEDPFQKHLNSTEEYLAFLCGPRRSHFFLPVSVVYVPIFVVGVIGNVLVCLVILQHQAMKTPTNYYL
FSLAVSDLLVLLLGMPLEVYEMWRNYPFLFGPVGCYFKTALFETVCFASILSITTVSVERYVAILHPFRAKLQSTRRRAL
RILGIVWGFSVLFSLPNTSIHGIKFHYFPNGSLVPGSATCTVIKPMWIYNFIIQVTSFLFYLLPMTVISVLYYLMALRLK
KDKSLEADEGNANIQRPCRKSVNKMLFVLVLVFAICWAPFHIDRLFFSFVEEWSESLAAVFNLVHVVSGVFFYLSSAVNP
IIYNLLSRRFQAAFQNVISSFHKQWHSQHDPQLPPAQRNIFLTECHFVELTEDIGPQFPCQSSMHNSHLPAALSSEQMSR
TNYQSFHFNKT
;
R
#
# COMPACT_ATOMS: atom_id res chain seq x y z
N ALA A 7 18.17 18.25 -16.38
CA ALA A 7 17.20 17.25 -15.96
C ALA A 7 16.28 17.87 -14.93
N GLU A 8 15.21 18.51 -15.40
CA GLU A 8 14.33 19.23 -14.48
C GLU A 8 13.58 18.28 -13.56
N ASP A 9 13.34 18.70 -12.32
CA ASP A 9 12.56 17.87 -11.40
C ASP A 9 11.13 17.68 -11.88
N LYS A 10 10.62 18.63 -12.68
CA LYS A 10 9.25 18.48 -13.17
C LYS A 10 9.10 17.27 -14.08
N ALA A 11 10.14 16.90 -14.82
CA ALA A 11 10.08 15.70 -15.63
C ALA A 11 10.09 14.43 -14.76
N ALA A 12 10.81 14.46 -13.65
CA ALA A 12 10.74 13.34 -12.71
C ALA A 12 9.38 13.26 -12.05
N VAL A 13 8.73 14.41 -11.80
CA VAL A 13 7.38 14.39 -11.26
C VAL A 13 6.41 13.85 -12.29
N GLU A 14 6.60 14.19 -13.57
CA GLU A 14 5.80 13.58 -14.63
C GLU A 14 5.96 12.07 -14.63
N ARG A 15 7.20 11.59 -14.52
CA ARG A 15 7.44 10.16 -14.47
C ARG A 15 6.73 9.53 -13.27
N SER A 16 6.81 10.18 -12.11
CA SER A 16 6.12 9.67 -10.94
C SER A 16 4.62 9.61 -11.16
N LYS A 17 4.05 10.63 -11.81
CA LYS A 17 2.62 10.64 -12.07
C LYS A 17 2.22 9.54 -13.05
N MET A 18 3.05 9.27 -14.04
CA MET A 18 2.76 8.15 -14.94
C MET A 18 2.83 6.82 -14.20
N ILE A 19 3.80 6.68 -13.29
CA ILE A 19 3.86 5.47 -12.48
C ILE A 19 2.63 5.37 -11.59
N GLU A 20 2.16 6.49 -11.06
CA GLU A 20 0.92 6.49 -10.27
C GLU A 20 -0.27 6.05 -11.12
N LYS A 21 -0.36 6.55 -12.35
CA LYS A 21 -1.43 6.11 -13.24
C LYS A 21 -1.37 4.60 -13.44
N GLN A 22 -0.19 4.06 -13.70
CA GLN A 22 -0.07 2.62 -13.89
C GLN A 22 -0.42 1.87 -12.62
N LEU A 23 -0.06 2.41 -11.46
CA LEU A 23 -0.38 1.76 -10.20
C LEU A 23 -1.88 1.73 -9.94
N GLN A 24 -2.59 2.80 -10.31
CA GLN A 24 -4.05 2.76 -10.21
C GLN A 24 -4.64 1.75 -11.19
N LYS A 25 -4.12 1.72 -12.42
CA LYS A 25 -4.57 0.73 -13.39
C LYS A 25 -4.36 -0.68 -12.87
N ASP A 26 -3.29 -0.91 -12.10
CA ASP A 26 -3.03 -2.23 -11.53
C ASP A 26 -3.87 -2.49 -10.28
N LYS A 27 -4.16 -1.45 -9.49
CA LYS A 27 -5.04 -1.63 -8.34
C LYS A 27 -6.44 -2.03 -8.79
N GLN A 28 -6.88 -1.51 -9.94
CA GLN A 28 -8.17 -1.94 -10.48
C GLN A 28 -8.19 -3.44 -10.72
N VAL A 29 -7.09 -4.00 -11.22
CA VAL A 29 -7.01 -5.45 -11.41
C VAL A 29 -6.90 -6.16 -10.08
N TYR A 30 -6.14 -5.59 -9.15
CA TYR A 30 -5.89 -6.26 -7.87
C TYR A 30 -7.17 -6.42 -7.06
N ARG A 31 -8.00 -5.38 -7.02
CA ARG A 31 -9.23 -5.45 -6.23
C ARG A 31 -10.25 -6.39 -6.86
N ARG A 32 -10.30 -6.45 -8.19
CA ARG A 32 -11.32 -7.20 -8.90
C ARG A 32 -10.98 -8.67 -9.08
N THR A 33 -10.05 -9.21 -8.29
CA THR A 33 -9.73 -10.63 -8.31
C THR A 33 -9.82 -11.19 -6.89
N LEU A 34 -10.18 -12.46 -6.79
CA LEU A 34 -10.34 -13.15 -5.52
C LEU A 34 -9.20 -14.15 -5.37
N ARG A 35 -8.42 -13.99 -4.31
CA ARG A 35 -7.27 -14.86 -4.07
C ARG A 35 -7.65 -15.98 -3.12
N LEU A 36 -7.22 -17.19 -3.46
CA LEU A 36 -7.52 -18.39 -2.71
C LEU A 36 -6.24 -19.16 -2.46
N LEU A 37 -6.10 -19.70 -1.25
CA LEU A 37 -4.97 -20.55 -0.91
C LEU A 37 -5.43 -22.00 -0.90
N LEU A 38 -4.74 -22.84 -1.67
CA LEU A 38 -5.09 -24.25 -1.81
C LEU A 38 -4.12 -25.06 -0.95
N LEU A 39 -4.57 -25.44 0.24
CA LEU A 39 -3.81 -26.32 1.12
C LEU A 39 -4.34 -27.74 1.01
N GLY A 40 -3.66 -28.66 1.67
CA GLY A 40 -4.05 -30.05 1.70
C GLY A 40 -2.85 -30.95 1.54
N ALA A 41 -2.93 -32.13 2.17
CA ALA A 41 -1.82 -33.06 2.13
C ALA A 41 -1.56 -33.54 0.71
N ASP A 42 -0.36 -34.08 0.49
CA ASP A 42 0.03 -34.52 -0.84
C ASP A 42 -0.82 -35.68 -1.34
N ASN A 43 -1.31 -36.54 -0.45
CA ASN A 43 -2.16 -37.64 -0.87
C ASN A 43 -3.56 -37.17 -1.26
N SER A 44 -3.94 -35.96 -0.88
CA SER A 44 -5.23 -35.42 -1.27
C SER A 44 -5.24 -35.13 -2.77
N GLY A 45 -6.45 -34.92 -3.30
CA GLY A 45 -6.60 -34.69 -4.72
C GLY A 45 -6.34 -33.27 -5.18
N LYS A 46 -5.73 -32.45 -4.31
CA LYS A 46 -5.57 -31.04 -4.66
C LYS A 46 -4.80 -30.87 -5.95
N SER A 47 -3.78 -31.71 -6.18
CA SER A 47 -3.04 -31.64 -7.43
C SER A 47 -3.92 -31.99 -8.63
N THR A 48 -5.01 -32.73 -8.40
CA THR A 48 -5.95 -33.07 -9.45
C THR A 48 -7.06 -32.03 -9.59
N ILE A 49 -7.51 -31.47 -8.47
CA ILE A 49 -8.55 -30.44 -8.51
C ILE A 49 -8.10 -29.28 -9.37
N VAL A 50 -6.82 -28.89 -9.26
CA VAL A 50 -6.31 -27.76 -10.04
C VAL A 50 -6.42 -28.04 -11.53
N LYS A 51 -6.19 -29.29 -11.95
CA LYS A 51 -6.25 -29.62 -13.35
C LYS A 51 -7.67 -29.51 -13.91
N GLN A 52 -8.69 -29.59 -13.06
CA GLN A 52 -10.07 -29.42 -13.47
C GLN A 52 -10.50 -27.96 -13.48
N MET A 53 -9.57 -27.03 -13.35
CA MET A 53 -9.85 -25.60 -13.31
C MET A 53 -9.41 -24.95 -14.62
N ARG A 54 -10.22 -24.03 -15.12
CA ARG A 54 -9.93 -23.37 -16.39
C ARG A 54 -10.59 -22.00 -16.47
N THR A 181 12.01 -26.79 -9.28
CA THR A 181 11.93 -26.62 -7.83
C THR A 181 11.21 -25.32 -7.47
N SER A 182 10.33 -24.88 -8.36
CA SER A 182 9.57 -23.65 -8.12
C SER A 182 8.67 -23.83 -6.90
N GLY A 183 8.37 -22.71 -6.24
CA GLY A 183 7.79 -22.77 -4.91
C GLY A 183 6.32 -22.42 -4.81
N ILE A 184 5.69 -21.96 -5.88
CA ILE A 184 4.28 -21.60 -5.84
C ILE A 184 3.72 -21.66 -7.25
N PHE A 185 2.47 -22.11 -7.35
CA PHE A 185 1.78 -22.31 -8.63
C PHE A 185 0.43 -21.61 -8.59
N GLU A 186 0.32 -20.48 -9.28
CA GLU A 186 -0.96 -19.77 -9.36
C GLU A 186 -1.83 -20.42 -10.44
N THR A 187 -2.81 -21.20 -10.01
CA THR A 187 -3.92 -21.57 -10.90
C THR A 187 -4.87 -20.40 -11.03
N LYS A 188 -5.49 -20.27 -12.20
CA LYS A 188 -6.38 -19.14 -12.46
C LYS A 188 -7.61 -19.61 -13.20
N PHE A 189 -8.78 -19.11 -12.77
CA PHE A 189 -10.04 -19.46 -13.41
C PHE A 189 -11.05 -18.37 -13.07
N GLN A 190 -12.22 -18.46 -13.69
CA GLN A 190 -13.32 -17.55 -13.39
C GLN A 190 -14.64 -18.31 -13.45
N VAL A 191 -15.61 -17.85 -12.68
CA VAL A 191 -16.97 -18.38 -12.68
C VAL A 191 -17.93 -17.20 -12.67
N ASP A 192 -18.89 -17.21 -13.59
CA ASP A 192 -19.81 -16.10 -13.74
C ASP A 192 -19.04 -14.79 -13.83
N LYS A 193 -17.91 -14.82 -14.54
CA LYS A 193 -17.12 -13.63 -14.86
C LYS A 193 -16.59 -12.92 -13.61
N VAL A 194 -16.35 -13.66 -12.53
CA VAL A 194 -15.50 -13.20 -11.44
C VAL A 194 -14.23 -14.04 -11.43
N ASN A 195 -13.09 -13.38 -11.33
CA ASN A 195 -11.80 -14.02 -11.53
C ASN A 195 -11.24 -14.53 -10.21
N PHE A 196 -10.87 -15.81 -10.17
CA PHE A 196 -10.29 -16.44 -9.00
C PHE A 196 -8.82 -16.75 -9.27
N HIS A 197 -7.96 -16.40 -8.33
CA HIS A 197 -6.56 -16.81 -8.33
C HIS A 197 -6.35 -17.78 -7.19
N MET A 198 -6.00 -19.02 -7.51
CA MET A 198 -5.84 -20.07 -6.52
C MET A 198 -4.37 -20.48 -6.49
N PHE A 199 -3.71 -20.19 -5.37
CA PHE A 199 -2.28 -20.40 -5.24
C PHE A 199 -2.02 -21.72 -4.53
N ASP A 200 -1.57 -22.72 -5.28
CA ASP A 200 -1.08 -23.94 -4.68
C ASP A 200 0.37 -23.73 -4.29
N VAL A 201 0.72 -24.14 -3.06
CA VAL A 201 2.06 -23.93 -2.52
C VAL A 201 2.79 -25.27 -2.57
N GLY A 202 3.90 -25.30 -3.29
CA GLY A 202 4.66 -26.52 -3.46
C GLY A 202 6.14 -26.26 -3.33
N ALA A 203 6.89 -27.35 -3.19
CA ALA A 203 8.34 -27.29 -2.97
C ALA A 203 8.70 -26.46 -1.74
N GLN A 204 7.74 -26.23 -0.85
CA GLN A 204 8.02 -25.57 0.42
C GLN A 204 8.30 -26.61 1.50
N ARG A 205 9.06 -26.20 2.50
CA ARG A 205 9.30 -27.07 3.64
C ARG A 205 8.00 -27.28 4.41
N ASP A 206 7.93 -28.40 5.14
CA ASP A 206 6.68 -28.81 5.78
C ASP A 206 6.21 -27.82 6.85
N GLU A 207 7.10 -26.99 7.38
CA GLU A 207 6.75 -26.06 8.45
C GLU A 207 6.00 -24.88 7.85
N ARG A 208 4.67 -24.89 7.99
CA ARG A 208 3.83 -23.86 7.40
C ARG A 208 3.81 -22.57 8.21
N ARG A 209 4.24 -22.59 9.47
CA ARG A 209 3.87 -21.53 10.39
C ARG A 209 4.38 -20.15 9.97
N LYS A 210 5.39 -20.08 9.09
CA LYS A 210 5.98 -18.80 8.72
C LYS A 210 5.45 -18.24 7.41
N TRP A 211 5.56 -18.97 6.31
CA TRP A 211 5.11 -18.42 5.03
C TRP A 211 3.60 -18.25 4.98
N ILE A 212 2.85 -18.88 5.89
CA ILE A 212 1.40 -18.74 5.90
C ILE A 212 0.98 -17.31 6.22
N GLN A 213 1.84 -16.54 6.88
CA GLN A 213 1.49 -15.16 7.20
C GLN A 213 1.24 -14.34 5.94
N CYS A 214 1.92 -14.70 4.84
CA CYS A 214 1.76 -13.98 3.59
C CYS A 214 0.31 -13.97 3.12
N PHE A 215 -0.43 -15.05 3.41
CA PHE A 215 -1.76 -15.25 2.86
C PHE A 215 -2.86 -14.70 3.75
N ASN A 216 -2.52 -13.98 4.81
CA ASN A 216 -3.52 -13.16 5.48
C ASN A 216 -4.19 -12.27 4.44
N ASP A 217 -5.50 -12.11 4.56
CA ASP A 217 -6.31 -11.30 3.66
C ASP A 217 -6.62 -11.98 2.34
N VAL A 218 -6.42 -13.30 2.23
CA VAL A 218 -7.05 -14.02 1.12
C VAL A 218 -8.54 -14.12 1.39
N THR A 219 -9.30 -14.35 0.33
CA THR A 219 -10.74 -14.46 0.51
C THR A 219 -11.14 -15.75 1.17
N ALA A 220 -10.47 -16.86 0.85
CA ALA A 220 -10.74 -18.12 1.51
C ALA A 220 -9.53 -19.03 1.37
N ILE A 221 -9.46 -20.02 2.24
CA ILE A 221 -8.52 -21.13 2.13
C ILE A 221 -9.28 -22.35 1.67
N ILE A 222 -8.73 -23.06 0.70
CA ILE A 222 -9.31 -24.30 0.22
C ILE A 222 -8.45 -25.43 0.76
N PHE A 223 -9.01 -26.19 1.70
CA PHE A 223 -8.31 -27.28 2.37
C PHE A 223 -8.86 -28.60 1.85
N VAL A 224 -7.99 -29.44 1.30
CA VAL A 224 -8.38 -30.70 0.67
C VAL A 224 -7.84 -31.84 1.53
N VAL A 225 -8.69 -32.83 1.78
CA VAL A 225 -8.33 -33.99 2.58
C VAL A 225 -8.83 -35.24 1.89
N ASP A 226 -7.99 -36.28 1.88
CA ASP A 226 -8.38 -37.59 1.35
C ASP A 226 -9.25 -38.28 2.38
N SER A 227 -10.56 -38.31 2.13
CA SER A 227 -11.49 -38.86 3.10
C SER A 227 -11.32 -40.36 3.33
N SER A 228 -10.71 -41.07 2.37
CA SER A 228 -10.63 -42.52 2.44
C SER A 228 -9.46 -43.03 3.26
N ASP A 229 -8.39 -42.25 3.42
CA ASP A 229 -7.18 -42.71 4.11
C ASP A 229 -7.36 -42.47 5.60
N TYR A 230 -7.98 -43.45 6.27
CA TYR A 230 -8.22 -43.34 7.70
C TYR A 230 -6.92 -43.18 8.48
N ASN A 231 -5.82 -43.76 8.00
CA ASN A 231 -4.56 -43.69 8.73
C ASN A 231 -4.08 -42.25 8.83
N ARG A 232 -4.14 -41.52 7.71
CA ARG A 232 -3.73 -40.13 7.68
C ARG A 232 -4.87 -39.15 7.94
N LEU A 233 -6.09 -39.65 8.15
CA LEU A 233 -7.21 -38.77 8.42
C LEU A 233 -6.99 -37.97 9.70
N GLN A 234 -6.38 -38.59 10.71
CA GLN A 234 -6.10 -37.87 11.95
C GLN A 234 -5.05 -36.78 11.72
N GLU A 235 -4.05 -37.04 10.88
CA GLU A 235 -3.09 -36.01 10.54
C GLU A 235 -3.76 -34.88 9.78
N ALA A 236 -4.71 -35.20 8.91
CA ALA A 236 -5.47 -34.16 8.24
C ALA A 236 -6.28 -33.34 9.24
N LEU A 237 -6.87 -34.00 10.23
CA LEU A 237 -7.58 -33.27 11.29
C LEU A 237 -6.64 -32.31 12.01
N ASN A 238 -5.44 -32.79 12.37
CA ASN A 238 -4.50 -31.93 13.07
C ASN A 238 -4.06 -30.75 12.20
N ASP A 239 -3.83 -31.00 10.91
CA ASP A 239 -3.45 -29.92 10.01
C ASP A 239 -4.57 -28.88 9.91
N PHE A 240 -5.81 -29.34 9.76
CA PHE A 240 -6.94 -28.41 9.76
C PHE A 240 -7.01 -27.62 11.06
N LYS A 241 -6.78 -28.29 12.19
CA LYS A 241 -6.81 -27.59 13.45
C LYS A 241 -5.76 -26.49 13.42
N SER A 242 -4.54 -26.81 13.06
CA SER A 242 -3.46 -25.82 13.11
C SER A 242 -3.72 -24.66 12.17
N ILE A 243 -4.35 -24.91 11.02
CA ILE A 243 -4.68 -23.83 10.10
C ILE A 243 -5.79 -22.97 10.68
N TRP A 244 -6.82 -23.61 11.27
CA TRP A 244 -7.98 -22.89 11.76
C TRP A 244 -7.63 -22.00 12.95
N ASN A 245 -6.78 -22.48 13.84
CA ASN A 245 -6.40 -21.73 15.04
C ASN A 245 -5.21 -20.81 14.80
N ASN A 246 -4.75 -20.68 13.56
CA ASN A 246 -3.59 -19.86 13.28
C ASN A 246 -3.84 -18.42 13.70
N ARG A 247 -2.81 -17.78 14.27
CA ARG A 247 -2.95 -16.42 14.74
C ARG A 247 -3.35 -15.48 13.61
N TRP A 248 -2.79 -15.69 12.42
CA TRP A 248 -2.97 -14.76 11.32
C TRP A 248 -4.17 -15.07 10.43
N LEU A 249 -4.58 -16.33 10.38
CA LEU A 249 -5.77 -16.73 9.63
C LEU A 249 -7.04 -16.60 10.45
N ARG A 250 -7.04 -15.75 11.49
CA ARG A 250 -8.14 -15.67 12.43
C ARG A 250 -9.44 -15.18 11.79
N THR A 251 -9.38 -14.57 10.60
CA THR A 251 -10.57 -14.04 9.96
C THR A 251 -10.78 -14.59 8.55
N ILE A 252 -10.13 -15.71 8.21
CA ILE A 252 -10.20 -16.30 6.88
C ILE A 252 -11.05 -17.55 6.95
N SER A 253 -12.10 -17.59 6.13
CA SER A 253 -12.98 -18.75 6.06
C SER A 253 -12.33 -19.86 5.26
N VAL A 254 -12.57 -21.11 5.68
CA VAL A 254 -11.94 -22.27 5.08
C VAL A 254 -13.00 -23.05 4.31
N ILE A 255 -12.82 -23.15 2.99
CA ILE A 255 -13.62 -24.05 2.18
C ILE A 255 -12.98 -25.44 2.27
N LEU A 256 -13.72 -26.39 2.85
CA LEU A 256 -13.18 -27.71 3.17
C LEU A 256 -13.71 -28.72 2.16
N PHE A 257 -12.81 -29.29 1.38
CA PHE A 257 -13.14 -30.31 0.38
C PHE A 257 -12.81 -31.68 0.97
N LEU A 258 -13.84 -32.41 1.38
CA LEU A 258 -13.68 -33.80 1.78
C LEU A 258 -13.60 -34.63 0.51
N ASN A 259 -12.37 -34.84 0.04
CA ASN A 259 -12.13 -35.29 -1.33
C ASN A 259 -12.10 -36.82 -1.42
N LYS A 260 -12.10 -37.32 -2.65
CA LYS A 260 -12.03 -38.75 -2.92
C LYS A 260 -13.17 -39.51 -2.24
N GLN A 261 -14.39 -39.01 -2.42
CA GLN A 261 -15.56 -39.68 -1.84
C GLN A 261 -15.82 -41.03 -2.48
N ASP A 262 -15.50 -41.18 -3.76
CA ASP A 262 -15.69 -42.48 -4.42
C ASP A 262 -14.85 -43.56 -3.75
N LEU A 263 -13.60 -43.25 -3.44
CA LEU A 263 -12.76 -44.21 -2.73
C LEU A 263 -13.32 -44.50 -1.34
N LEU A 264 -13.89 -43.50 -0.66
CA LEU A 264 -14.50 -43.75 0.64
C LEU A 264 -15.66 -44.72 0.52
N ALA A 265 -16.52 -44.51 -0.48
CA ALA A 265 -17.64 -45.41 -0.70
C ALA A 265 -17.15 -46.82 -0.99
N GLU A 266 -16.15 -46.96 -1.86
CA GLU A 266 -15.60 -48.28 -2.18
C GLU A 266 -15.00 -48.94 -0.94
N LYS A 267 -14.33 -48.16 -0.09
CA LYS A 267 -13.77 -48.72 1.14
C LYS A 267 -14.87 -49.25 2.05
N VAL A 268 -15.89 -48.42 2.32
CA VAL A 268 -16.92 -48.83 3.26
C VAL A 268 -17.76 -49.98 2.69
N LEU A 269 -17.93 -50.02 1.37
CA LEU A 269 -18.69 -51.11 0.76
C LEU A 269 -17.88 -52.40 0.73
N ALA A 270 -16.55 -52.29 0.61
CA ALA A 270 -15.72 -53.48 0.68
C ALA A 270 -15.61 -54.00 2.11
N GLY A 271 -15.51 -53.10 3.08
CA GLY A 271 -15.49 -53.47 4.49
C GLY A 271 -14.19 -54.04 4.99
N LYS A 272 -13.20 -54.26 4.12
CA LYS A 272 -11.94 -54.86 4.57
C LYS A 272 -11.21 -53.95 5.56
N SER A 273 -11.41 -52.65 5.44
CA SER A 273 -10.86 -51.69 6.39
C SER A 273 -11.97 -50.76 6.82
N LYS A 274 -12.04 -50.47 8.11
CA LYS A 274 -13.17 -49.74 8.70
C LYS A 274 -12.65 -48.56 9.50
N ILE A 275 -13.28 -47.40 9.31
CA ILE A 275 -13.00 -46.24 10.14
C ILE A 275 -13.28 -46.53 11.60
N GLU A 276 -14.10 -47.55 11.89
CA GLU A 276 -14.37 -47.96 13.26
C GLU A 276 -13.07 -48.16 14.05
N ASP A 277 -12.06 -48.72 13.40
CA ASP A 277 -10.83 -49.08 14.10
C ASP A 277 -10.02 -47.85 14.50
N TYR A 278 -10.14 -46.77 13.75
CA TYR A 278 -9.33 -45.58 13.99
C TYR A 278 -10.04 -44.54 14.84
N PHE A 279 -11.38 -44.47 14.77
CA PHE A 279 -12.17 -43.50 15.52
C PHE A 279 -13.19 -44.28 16.34
N PRO A 280 -12.90 -44.56 17.62
CA PRO A 280 -13.84 -45.35 18.41
C PRO A 280 -15.23 -44.76 18.50
N GLU A 281 -15.34 -43.43 18.46
CA GLU A 281 -16.65 -42.79 18.57
C GLU A 281 -17.56 -43.17 17.41
N PHE A 282 -17.01 -43.66 16.30
CA PHE A 282 -17.86 -44.07 15.18
C PHE A 282 -18.71 -45.28 15.53
N ALA A 283 -18.32 -46.07 16.54
CA ALA A 283 -19.11 -47.22 16.94
C ALA A 283 -20.48 -46.83 17.47
N ARG A 284 -20.65 -45.57 17.87
CA ARG A 284 -21.92 -45.10 18.41
C ARG A 284 -22.49 -43.90 17.68
N TYR A 285 -21.71 -43.24 16.82
CA TYR A 285 -22.27 -42.17 16.00
C TYR A 285 -23.33 -42.71 15.06
N THR A 286 -24.43 -41.97 14.92
CA THR A 286 -25.52 -42.36 14.05
C THR A 286 -25.93 -41.17 13.20
N THR A 287 -26.32 -41.44 11.96
CA THR A 287 -26.66 -40.40 11.01
C THR A 287 -27.79 -39.54 11.57
N PRO A 288 -27.62 -38.22 11.63
CA PRO A 288 -28.73 -37.37 12.07
C PRO A 288 -29.84 -37.31 11.03
N GLU A 289 -31.06 -37.06 11.52
CA GLU A 289 -32.20 -36.94 10.62
C GLU A 289 -32.10 -35.74 9.69
N ASP A 290 -31.22 -34.78 10.00
CA ASP A 290 -31.02 -33.63 9.14
C ASP A 290 -30.12 -33.94 7.95
N ALA A 291 -29.55 -35.13 7.88
CA ALA A 291 -28.63 -35.48 6.81
C ALA A 291 -29.35 -35.47 5.46
N THR A 292 -28.63 -35.03 4.43
CA THR A 292 -29.19 -34.97 3.08
C THR A 292 -29.20 -36.36 2.46
N PRO A 293 -30.37 -36.90 2.09
CA PRO A 293 -30.41 -38.24 1.49
C PRO A 293 -30.21 -38.26 -0.01
N GLU A 294 -29.88 -37.13 -0.64
CA GLU A 294 -29.89 -36.97 -2.08
C GLU A 294 -29.22 -38.11 -2.82
N PRO A 295 -28.01 -38.54 -2.43
CA PRO A 295 -27.31 -39.55 -3.23
C PRO A 295 -28.03 -40.89 -3.31
N GLY A 296 -28.80 -41.25 -2.30
CA GLY A 296 -29.41 -42.57 -2.30
C GLY A 296 -28.41 -43.70 -2.13
N GLU A 297 -27.21 -43.38 -1.66
CA GLU A 297 -26.18 -44.39 -1.49
C GLU A 297 -26.46 -45.25 -0.25
N ASP A 298 -25.62 -46.26 -0.07
CA ASP A 298 -25.77 -47.17 1.05
C ASP A 298 -25.74 -46.39 2.37
N PRO A 299 -26.58 -46.74 3.34
CA PRO A 299 -26.58 -45.97 4.61
C PRO A 299 -25.23 -45.91 5.30
N ARG A 300 -24.40 -46.96 5.18
CA ARG A 300 -23.08 -46.90 5.78
C ARG A 300 -22.23 -45.81 5.16
N VAL A 301 -22.35 -45.61 3.84
CA VAL A 301 -21.60 -44.55 3.18
C VAL A 301 -21.97 -43.20 3.78
N THR A 302 -23.26 -42.94 3.91
CA THR A 302 -23.71 -41.67 4.48
C THR A 302 -23.23 -41.52 5.92
N ARG A 303 -23.31 -42.59 6.71
CA ARG A 303 -22.89 -42.51 8.10
C ARG A 303 -21.41 -42.19 8.21
N ALA A 304 -20.57 -42.89 7.44
CA ALA A 304 -19.15 -42.66 7.49
C ALA A 304 -18.80 -41.26 7.03
N LYS A 305 -19.36 -40.83 5.89
CA LYS A 305 -19.00 -39.52 5.35
C LYS A 305 -19.46 -38.40 6.28
N TYR A 306 -20.65 -38.54 6.87
CA TYR A 306 -21.12 -37.50 7.78
C TYR A 306 -20.33 -37.49 9.08
N PHE A 307 -19.88 -38.65 9.55
CA PHE A 307 -18.99 -38.65 10.72
C PHE A 307 -17.68 -37.94 10.39
N ILE A 308 -17.12 -38.22 9.21
CA ILE A 308 -15.90 -37.54 8.80
C ILE A 308 -16.12 -36.03 8.75
N ARG A 309 -17.23 -35.60 8.13
CA ARG A 309 -17.54 -34.18 8.07
C ARG A 309 -17.65 -33.59 9.47
N LYS A 310 -18.37 -34.26 10.36
CA LYS A 310 -18.50 -33.78 11.73
C LYS A 310 -17.15 -33.64 12.40
N GLU A 311 -16.21 -34.53 12.08
CA GLU A 311 -14.90 -34.46 12.72
C GLU A 311 -14.23 -33.12 12.45
N PHE A 312 -14.43 -32.54 11.27
CA PHE A 312 -13.87 -31.22 10.98
C PHE A 312 -14.77 -30.10 11.49
N VAL A 313 -16.09 -30.27 11.36
CA VAL A 313 -17.01 -29.23 11.79
C VAL A 313 -16.90 -29.02 13.29
N ASP A 314 -16.56 -30.06 14.05
CA ASP A 314 -16.39 -29.89 15.49
C ASP A 314 -15.24 -28.95 15.79
N ILE A 315 -14.10 -29.12 15.12
CA ILE A 315 -12.99 -28.19 15.29
C ILE A 315 -13.42 -26.79 14.91
N SER A 316 -14.07 -26.67 13.75
CA SER A 316 -14.47 -25.36 13.26
C SER A 316 -15.34 -24.63 14.28
N THR A 317 -16.37 -25.31 14.80
CA THR A 317 -17.30 -24.67 15.72
C THR A 317 -16.67 -24.43 17.09
N ALA A 318 -15.85 -25.37 17.57
CA ALA A 318 -15.23 -25.21 18.89
C ALA A 318 -14.29 -24.01 18.92
N SER A 319 -13.37 -23.93 17.94
CA SER A 319 -12.42 -22.83 17.95
C SER A 319 -12.98 -21.57 17.30
N GLY A 320 -13.83 -21.73 16.29
CA GLY A 320 -14.24 -20.59 15.48
C GLY A 320 -15.24 -19.71 16.22
N ASP A 321 -14.93 -18.42 16.30
CA ASP A 321 -15.92 -17.42 16.68
C ASP A 321 -16.68 -16.99 15.42
N GLY A 322 -17.43 -15.91 15.50
CA GLY A 322 -18.12 -15.39 14.33
C GLY A 322 -17.23 -14.79 13.27
N ARG A 323 -15.90 -14.78 13.48
CA ARG A 323 -15.00 -14.13 12.53
C ARG A 323 -14.96 -14.88 11.20
N HIS A 324 -14.86 -16.21 11.24
CA HIS A 324 -14.66 -16.99 10.02
C HIS A 324 -15.44 -18.29 10.11
N ILE A 325 -15.78 -18.83 8.95
CA ILE A 325 -16.70 -19.96 8.84
C ILE A 325 -16.03 -21.06 8.01
N CYS A 326 -16.42 -22.30 8.28
CA CYS A 326 -15.96 -23.46 7.53
C CYS A 326 -17.08 -23.95 6.62
N TYR A 327 -16.75 -24.22 5.35
CA TYR A 327 -17.74 -24.66 4.37
C TYR A 327 -17.39 -26.05 3.88
N PRO A 328 -17.80 -27.11 4.58
CA PRO A 328 -17.45 -28.47 4.15
C PRO A 328 -18.17 -28.86 2.88
N HIS A 329 -17.48 -29.64 2.04
CA HIS A 329 -18.05 -30.17 0.82
C HIS A 329 -17.53 -31.58 0.58
N PHE A 330 -18.44 -32.49 0.21
CA PHE A 330 -18.05 -33.79 -0.28
C PHE A 330 -17.79 -33.71 -1.77
N THR A 331 -16.57 -34.10 -2.19
CA THR A 331 -16.16 -33.91 -3.57
C THR A 331 -15.32 -35.09 -4.03
N CYS A 332 -15.42 -35.39 -5.32
CA CYS A 332 -14.43 -36.20 -5.99
C CYS A 332 -13.44 -35.27 -6.71
N SER A 333 -12.18 -35.70 -6.85
CA SER A 333 -11.18 -34.88 -7.55
C SER A 333 -11.66 -34.65 -8.98
N VAL A 334 -12.16 -35.70 -9.63
CA VAL A 334 -12.74 -35.56 -10.96
C VAL A 334 -14.19 -35.14 -10.80
N ASP A 335 -14.44 -33.84 -10.71
CA ASP A 335 -15.79 -33.33 -10.49
C ASP A 335 -15.87 -31.92 -11.04
N THR A 336 -16.76 -31.70 -12.00
CA THR A 336 -16.86 -30.39 -12.66
C THR A 336 -17.44 -29.32 -11.75
N GLU A 337 -18.11 -29.69 -10.66
CA GLU A 337 -18.81 -28.72 -9.84
C GLU A 337 -17.91 -28.00 -8.85
N ASN A 338 -16.66 -28.45 -8.68
CA ASN A 338 -15.80 -27.88 -7.64
C ASN A 338 -15.61 -26.38 -7.83
N ALA A 339 -15.48 -25.94 -9.09
CA ALA A 339 -15.38 -24.50 -9.34
C ALA A 339 -16.64 -23.77 -8.91
N ARG A 340 -17.81 -24.38 -9.16
CA ARG A 340 -19.06 -23.76 -8.72
C ARG A 340 -19.18 -23.79 -7.21
N ARG A 341 -18.70 -24.85 -6.56
CA ARG A 341 -18.70 -24.88 -5.10
C ARG A 341 -17.85 -23.75 -4.54
N ILE A 342 -16.66 -23.56 -5.10
CA ILE A 342 -15.79 -22.48 -4.67
C ILE A 342 -16.47 -21.13 -4.91
N PHE A 343 -17.12 -20.97 -6.06
CA PHE A 343 -17.80 -19.72 -6.34
C PHE A 343 -18.91 -19.44 -5.33
N ASN A 344 -19.73 -20.44 -5.03
CA ASN A 344 -20.81 -20.24 -4.05
C ASN A 344 -20.27 -19.91 -2.68
N ASP A 345 -19.24 -20.65 -2.23
CA ASP A 345 -18.67 -20.38 -0.91
C ASP A 345 -18.03 -19.01 -0.84
N CYS A 346 -17.32 -18.60 -1.90
CA CYS A 346 -16.72 -17.27 -1.91
C CYS A 346 -17.80 -16.20 -1.95
N LYS A 347 -18.91 -16.45 -2.65
CA LYS A 347 -20.01 -15.50 -2.65
C LYS A 347 -20.57 -15.35 -1.24
N ASP A 348 -20.73 -16.46 -0.53
CA ASP A 348 -21.22 -16.38 0.85
C ASP A 348 -20.22 -15.67 1.75
N ILE A 349 -18.93 -15.91 1.54
CA ILE A 349 -17.90 -15.26 2.35
C ILE A 349 -17.90 -13.76 2.11
N ILE A 350 -17.98 -13.34 0.84
CA ILE A 350 -18.01 -11.92 0.52
C ILE A 350 -19.29 -11.28 1.06
N LEU A 351 -20.41 -12.01 1.01
CA LEU A 351 -21.64 -11.50 1.59
C LEU A 351 -21.49 -11.29 3.09
N GLN A 352 -20.88 -12.25 3.78
CA GLN A 352 -20.64 -12.10 5.21
C GLN A 352 -19.71 -10.94 5.50
N MET A 353 -18.71 -10.72 4.66
CA MET A 353 -17.80 -9.60 4.84
C MET A 353 -18.51 -8.27 4.65
N ASN A 354 -19.32 -8.16 3.59
CA ASN A 354 -20.08 -6.94 3.37
C ASN A 354 -21.06 -6.68 4.51
N LEU A 355 -21.66 -7.74 5.04
CA LEU A 355 -22.60 -7.58 6.15
C LEU A 355 -21.96 -6.83 7.30
N ARG A 356 -20.66 -7.02 7.53
CA ARG A 356 -19.97 -6.31 8.60
C ARG A 356 -19.44 -4.96 8.12
N GLU A 357 -18.89 -4.92 6.90
CA GLU A 357 -18.37 -3.67 6.35
C GLU A 357 -19.45 -2.60 6.31
N TYR A 358 -20.66 -2.97 5.90
CA TYR A 358 -21.77 -2.05 5.80
C TYR A 358 -22.57 -1.93 7.10
N ASN A 359 -21.99 -2.33 8.23
CA ASN A 359 -22.56 -2.12 9.55
C ASN A 359 -23.87 -2.85 9.77
N LEU A 360 -24.25 -3.77 8.88
CA LEU A 360 -25.52 -4.46 9.04
C LEU A 360 -25.52 -5.38 10.26
N VAL A 361 -24.38 -6.02 10.54
CA VAL A 361 -24.30 -6.93 11.68
C VAL A 361 -24.23 -6.13 12.98
N ASP B 10 26.48 -43.35 17.79
CA ASP B 10 26.03 -43.58 19.19
C ASP B 10 26.86 -42.78 20.20
N GLN B 11 28.17 -42.99 20.20
CA GLN B 11 29.05 -42.30 21.13
C GLN B 11 29.14 -40.81 20.82
N LEU B 12 28.93 -40.43 19.56
CA LEU B 12 29.20 -39.05 19.15
C LEU B 12 28.22 -38.06 19.76
N ARG B 13 27.01 -38.49 20.10
CA ARG B 13 26.03 -37.55 20.66
C ARG B 13 26.45 -37.09 22.06
N GLN B 14 27.01 -37.99 22.86
CA GLN B 14 27.56 -37.57 24.15
C GLN B 14 28.73 -36.62 23.96
N GLU B 15 29.52 -36.83 22.91
CA GLU B 15 30.58 -35.89 22.58
C GLU B 15 30.01 -34.51 22.24
N ALA B 16 28.92 -34.48 21.47
CA ALA B 16 28.28 -33.21 21.15
C ALA B 16 27.78 -32.51 22.40
N GLU B 17 27.16 -33.27 23.32
CA GLU B 17 26.69 -32.67 24.57
C GLU B 17 27.86 -32.14 25.39
N GLN B 18 28.96 -32.88 25.43
CA GLN B 18 30.13 -32.44 26.17
C GLN B 18 30.70 -31.15 25.58
N LEU B 19 30.80 -31.09 24.25
CA LEU B 19 31.29 -29.87 23.61
C LEU B 19 30.35 -28.70 23.85
N LYS B 20 29.04 -28.94 23.84
CA LYS B 20 28.08 -27.89 24.14
C LYS B 20 28.30 -27.37 25.56
N ASN B 21 28.49 -28.26 26.52
CA ASN B 21 28.75 -27.82 27.89
C ASN B 21 30.07 -27.07 27.99
N GLN B 22 31.09 -27.52 27.26
CA GLN B 22 32.38 -26.83 27.28
C GLN B 22 32.24 -25.41 26.74
N ILE B 23 31.47 -25.23 25.65
CA ILE B 23 31.25 -23.90 25.10
C ILE B 23 30.49 -23.04 26.11
N ARG B 24 29.48 -23.62 26.75
CA ARG B 24 28.74 -22.89 27.78
C ARG B 24 29.67 -22.44 28.90
N ASP B 25 30.55 -23.33 29.36
CA ASP B 25 31.49 -22.99 30.42
C ASP B 25 32.45 -21.89 29.98
N ALA B 26 32.93 -21.95 28.75
CA ALA B 26 33.82 -20.90 28.24
C ALA B 26 33.11 -19.56 28.16
N ARG B 27 31.83 -19.56 27.75
CA ARG B 27 31.06 -18.32 27.75
C ARG B 27 30.90 -17.78 29.17
N LYS B 28 30.59 -18.65 30.13
CA LYS B 28 30.47 -18.21 31.51
C LYS B 28 31.79 -17.63 32.02
N ALA B 29 32.91 -18.22 31.64
CA ALA B 29 34.21 -17.70 32.07
C ALA B 29 34.41 -16.27 31.63
N CYS B 30 33.90 -15.89 30.45
CA CYS B 30 34.06 -14.54 29.92
C CYS B 30 32.97 -13.59 30.38
N ALA B 31 31.96 -14.06 31.10
CA ALA B 31 30.81 -13.25 31.49
C ALA B 31 31.00 -12.55 32.84
N ASP B 32 32.23 -12.20 33.19
CA ASP B 32 32.47 -11.60 34.51
C ASP B 32 31.87 -10.21 34.65
N ALA B 33 31.37 -9.61 33.57
CA ALA B 33 30.77 -8.29 33.62
C ALA B 33 29.59 -8.27 32.65
N THR B 34 28.83 -7.17 32.71
CA THR B 34 27.66 -7.00 31.87
C THR B 34 27.66 -5.59 31.29
N LEU B 35 26.94 -5.43 30.18
CA LEU B 35 26.87 -4.11 29.54
C LEU B 35 26.21 -3.09 30.46
N SER B 36 25.18 -3.51 31.21
CA SER B 36 24.50 -2.58 32.10
C SER B 36 25.43 -2.11 33.23
N GLN B 37 26.18 -3.05 33.82
CA GLN B 37 27.12 -2.67 34.88
C GLN B 37 28.13 -1.65 34.37
N ILE B 38 28.56 -1.78 33.12
CA ILE B 38 29.58 -0.90 32.57
C ILE B 38 29.01 0.44 32.11
N THR B 39 27.72 0.49 31.79
CA THR B 39 27.11 1.71 31.26
C THR B 39 26.23 2.44 32.28
N ASN B 40 26.26 2.04 33.54
CA ASN B 40 25.43 2.69 34.55
C ASN B 40 25.63 4.20 34.55
N ASN B 41 26.88 4.66 34.42
CA ASN B 41 27.18 6.08 34.54
C ASN B 41 26.97 6.86 33.24
N ILE B 42 26.71 6.17 32.12
CA ILE B 42 26.62 6.85 30.84
C ILE B 42 25.37 7.71 30.78
N ASP B 43 25.51 8.91 30.22
CA ASP B 43 24.40 9.84 30.11
C ASP B 43 23.29 9.25 29.25
N PRO B 44 22.07 9.14 29.76
CA PRO B 44 21.00 8.52 28.97
C PRO B 44 20.68 9.34 27.72
N VAL B 45 20.18 8.62 26.70
CA VAL B 45 19.80 9.28 25.45
C VAL B 45 18.70 10.30 25.68
N GLY B 46 17.82 10.06 26.64
CA GLY B 46 16.68 10.91 26.85
C GLY B 46 15.57 10.64 25.85
N ARG B 47 14.46 11.36 26.02
CA ARG B 47 13.31 11.12 25.16
C ARG B 47 13.57 11.61 23.75
N ILE B 48 13.34 10.73 22.77
CA ILE B 48 13.52 11.04 21.35
C ILE B 48 12.16 11.17 20.70
N GLN B 49 11.94 12.30 20.03
CA GLN B 49 10.79 12.49 19.16
C GLN B 49 11.23 12.48 17.72
N MET B 50 10.56 11.67 16.90
CA MET B 50 10.79 11.64 15.46
C MET B 50 9.48 11.88 14.75
N ARG B 51 9.47 12.86 13.85
CA ARG B 51 8.29 13.21 13.09
C ARG B 51 8.31 12.49 11.76
N THR B 52 7.12 12.13 11.27
CA THR B 52 7.01 11.48 9.97
C THR B 52 7.27 12.52 8.89
N ARG B 53 8.52 12.62 8.45
CA ARG B 53 8.88 13.63 7.46
C ARG B 53 8.27 13.32 6.10
N ARG B 54 8.15 12.04 5.75
CA ARG B 54 7.64 11.63 4.45
C ARG B 54 6.80 10.38 4.63
N THR B 55 5.68 10.32 3.90
CA THR B 55 4.88 9.11 3.78
C THR B 55 4.84 8.74 2.31
N LEU B 56 5.38 7.56 1.99
CA LEU B 56 5.49 7.11 0.61
C LEU B 56 4.32 6.19 0.31
N ARG B 57 3.41 6.64 -0.55
CA ARG B 57 2.17 5.96 -0.86
C ARG B 57 2.20 5.45 -2.29
N GLY B 58 1.52 4.34 -2.53
CA GLY B 58 1.40 3.81 -3.88
C GLY B 58 1.42 2.30 -3.95
N HIS B 59 1.93 1.64 -2.92
CA HIS B 59 1.83 0.19 -2.85
C HIS B 59 0.39 -0.24 -2.65
N LEU B 60 -0.03 -1.29 -3.35
CA LEU B 60 -1.40 -1.76 -3.29
C LEU B 60 -1.64 -2.67 -2.09
N ALA B 61 -0.71 -3.57 -1.82
CA ALA B 61 -0.85 -4.57 -0.77
C ALA B 61 0.13 -4.27 0.37
N LYS B 62 0.18 -5.17 1.34
CA LYS B 62 1.06 -4.99 2.49
C LYS B 62 2.52 -5.01 2.06
N ILE B 63 3.27 -4.00 2.49
CA ILE B 63 4.70 -3.93 2.17
C ILE B 63 5.32 -5.05 2.96
N TYR B 64 6.33 -5.71 2.39
CA TYR B 64 7.04 -6.77 3.10
C TYR B 64 8.52 -6.48 3.35
N ALA B 65 9.16 -5.65 2.51
CA ALA B 65 10.55 -5.30 2.74
C ALA B 65 10.87 -4.00 2.01
N MET B 66 11.93 -3.34 2.48
CA MET B 66 12.49 -2.17 1.83
C MET B 66 13.99 -2.17 2.07
N HIS B 67 14.70 -1.42 1.25
CA HIS B 67 16.14 -1.27 1.44
C HIS B 67 16.58 0.10 0.93
N TRP B 68 17.66 0.60 1.52
CA TRP B 68 18.22 1.89 1.17
C TRP B 68 19.34 1.75 0.16
N GLY B 69 19.37 2.63 -0.83
CA GLY B 69 20.57 2.79 -1.62
C GLY B 69 21.70 3.37 -0.79
N THR B 70 22.93 3.02 -1.15
CA THR B 70 24.08 3.51 -0.40
C THR B 70 24.21 5.02 -0.50
N ASP B 71 23.54 5.65 -1.47
CA ASP B 71 23.51 7.10 -1.54
C ASP B 71 22.63 7.74 -0.48
N SER B 72 21.88 6.92 0.27
CA SER B 72 21.02 7.40 1.36
C SER B 72 19.85 8.24 0.85
N ARG B 73 19.54 8.15 -0.44
CA ARG B 73 18.40 8.89 -0.98
C ARG B 73 17.41 7.96 -1.67
N LEU B 74 17.92 7.00 -2.43
CA LEU B 74 17.06 6.06 -3.14
C LEU B 74 16.68 4.89 -2.24
N LEU B 75 15.49 4.36 -2.48
CA LEU B 75 14.86 3.44 -1.53
C LEU B 75 13.99 2.47 -2.32
N VAL B 76 14.34 1.18 -2.28
CA VAL B 76 13.55 0.14 -2.93
C VAL B 76 12.56 -0.41 -1.92
N SER B 77 11.43 -0.91 -2.42
CA SER B 77 10.33 -1.31 -1.55
C SER B 77 9.57 -2.44 -2.22
N ALA B 78 9.40 -3.55 -1.51
CA ALA B 78 8.68 -4.71 -2.02
C ALA B 78 7.30 -4.80 -1.38
N SER B 79 6.30 -5.05 -2.21
CA SER B 79 4.94 -5.27 -1.76
C SER B 79 4.45 -6.58 -2.34
N GLN B 80 3.56 -7.25 -1.61
CA GLN B 80 3.05 -8.54 -2.05
C GLN B 80 1.95 -8.41 -3.10
N ASP B 81 1.73 -7.21 -3.62
CA ASP B 81 0.93 -7.05 -4.82
C ASP B 81 1.75 -7.37 -6.08
N GLY B 82 3.04 -7.67 -5.93
CA GLY B 82 3.89 -7.98 -7.05
C GLY B 82 4.64 -6.81 -7.63
N LYS B 83 4.94 -5.80 -6.82
CA LYS B 83 5.65 -4.62 -7.28
C LYS B 83 6.89 -4.36 -6.44
N LEU B 84 7.98 -3.97 -7.11
CA LEU B 84 9.07 -3.26 -6.47
C LEU B 84 9.01 -1.82 -6.94
N ILE B 85 8.94 -0.89 -5.98
CA ILE B 85 8.96 0.53 -6.28
C ILE B 85 10.27 1.08 -5.74
N ILE B 86 10.92 1.92 -6.55
CA ILE B 86 12.13 2.62 -6.14
C ILE B 86 11.74 4.09 -5.97
N TRP B 87 11.99 4.61 -4.78
CA TRP B 87 11.53 5.93 -4.37
C TRP B 87 12.71 6.89 -4.25
N ASP B 88 12.51 8.11 -4.73
CA ASP B 88 13.37 9.21 -4.32
C ASP B 88 12.84 9.72 -2.98
N SER B 89 13.54 9.38 -1.90
CA SER B 89 13.00 9.66 -0.57
C SER B 89 12.86 11.16 -0.32
N TYR B 90 13.73 11.98 -0.91
CA TYR B 90 13.67 13.41 -0.66
C TYR B 90 12.41 14.01 -1.25
N THR B 91 12.10 13.70 -2.51
CA THR B 91 10.96 14.29 -3.21
C THR B 91 9.73 13.39 -3.20
N THR B 92 9.84 12.16 -2.73
CA THR B 92 8.78 11.16 -2.78
C THR B 92 8.45 10.73 -4.20
N ASN B 93 9.24 11.15 -5.18
CA ASN B 93 9.04 10.70 -6.54
C ASN B 93 9.31 9.20 -6.66
N LYS B 94 8.44 8.49 -7.37
CA LYS B 94 8.67 7.10 -7.71
C LYS B 94 9.59 7.04 -8.91
N VAL B 95 10.79 6.48 -8.72
CA VAL B 95 11.76 6.43 -9.81
C VAL B 95 11.48 5.25 -10.73
N HIS B 96 11.17 4.09 -10.16
CA HIS B 96 10.87 2.90 -10.93
C HIS B 96 9.74 2.14 -10.25
N ALA B 97 8.91 1.50 -11.08
CA ALA B 97 7.95 0.51 -10.62
C ALA B 97 8.22 -0.76 -11.43
N ILE B 98 8.60 -1.83 -10.74
CA ILE B 98 9.05 -3.05 -11.38
C ILE B 98 7.98 -4.11 -11.16
N PRO B 99 7.27 -4.55 -12.19
CA PRO B 99 6.31 -5.65 -12.01
C PRO B 99 7.03 -6.98 -11.91
N LEU B 100 6.59 -7.80 -10.95
CA LEU B 100 7.23 -9.06 -10.63
C LEU B 100 6.41 -10.23 -11.17
N ARG B 101 7.12 -11.29 -11.57
CA ARG B 101 6.44 -12.49 -12.07
C ARG B 101 5.72 -13.23 -10.96
N SER B 102 6.23 -13.19 -9.75
CA SER B 102 5.58 -13.77 -8.57
C SER B 102 5.18 -12.66 -7.62
N SER B 103 3.91 -12.62 -7.25
CA SER B 103 3.40 -11.54 -6.41
C SER B 103 3.75 -11.71 -4.93
N TRP B 104 4.18 -12.89 -4.52
CA TRP B 104 4.42 -13.17 -3.11
C TRP B 104 5.84 -12.83 -2.69
N VAL B 105 6.19 -11.55 -2.80
CA VAL B 105 7.54 -11.11 -2.45
C VAL B 105 7.73 -11.01 -0.93
N MET B 106 8.82 -11.57 -0.41
CA MET B 106 9.14 -11.50 1.01
C MET B 106 10.43 -10.71 1.31
N THR B 107 11.21 -10.36 0.28
CA THR B 107 12.45 -9.64 0.51
C THR B 107 12.82 -8.82 -0.71
N CYS B 108 13.63 -7.80 -0.50
CA CYS B 108 14.22 -7.05 -1.59
C CYS B 108 15.57 -6.50 -1.11
N ALA B 109 16.42 -6.18 -2.08
CA ALA B 109 17.73 -5.62 -1.79
C ALA B 109 18.09 -4.61 -2.85
N TYR B 110 18.91 -3.64 -2.46
CA TYR B 110 19.45 -2.62 -3.35
C TYR B 110 20.95 -2.83 -3.45
N ALA B 111 21.48 -2.92 -4.66
CA ALA B 111 22.90 -3.16 -4.81
C ALA B 111 23.69 -1.97 -4.25
N PRO B 112 24.84 -2.22 -3.63
CA PRO B 112 25.61 -1.09 -3.08
C PRO B 112 26.06 -0.10 -4.13
N SER B 113 26.16 -0.53 -5.39
CA SER B 113 26.46 0.39 -6.48
C SER B 113 25.21 1.06 -7.03
N GLY B 114 24.02 0.55 -6.69
CA GLY B 114 22.78 1.06 -7.21
C GLY B 114 22.42 0.56 -8.59
N ASN B 115 23.24 -0.29 -9.19
CA ASN B 115 22.99 -0.76 -10.55
C ASN B 115 21.90 -1.84 -10.58
N TYR B 116 21.76 -2.63 -9.52
CA TYR B 116 20.87 -3.77 -9.51
C TYR B 116 19.96 -3.74 -8.30
N VAL B 117 18.78 -4.37 -8.43
CA VAL B 117 17.86 -4.53 -7.29
C VAL B 117 17.38 -5.97 -7.36
N ALA B 118 17.32 -6.70 -6.27
CA ALA B 118 16.96 -8.10 -6.18
C ALA B 118 15.69 -8.24 -5.35
N CYS B 119 14.98 -9.34 -5.57
CA CYS B 119 13.81 -9.65 -4.76
C CYS B 119 13.57 -11.16 -4.80
N GLY B 120 12.74 -11.62 -3.88
CA GLY B 120 12.43 -13.04 -3.79
C GLY B 120 11.26 -13.24 -2.86
N GLY B 121 10.84 -14.49 -2.76
CA GLY B 121 9.70 -14.82 -1.91
C GLY B 121 9.29 -16.27 -1.97
N LEU B 122 7.99 -16.54 -2.04
CA LEU B 122 7.52 -17.92 -2.05
C LEU B 122 7.97 -18.66 -3.30
N ASP B 123 8.02 -17.97 -4.44
CA ASP B 123 8.75 -18.49 -5.58
C ASP B 123 10.21 -18.60 -5.17
N ASN B 124 10.73 -19.82 -5.07
CA ASN B 124 12.02 -20.03 -4.42
C ASN B 124 13.19 -19.40 -5.16
N ILE B 125 12.96 -18.64 -6.24
CA ILE B 125 14.02 -18.05 -7.03
C ILE B 125 14.26 -16.61 -6.58
N CYS B 126 15.50 -16.16 -6.71
CA CYS B 126 15.89 -14.77 -6.48
C CYS B 126 16.08 -14.09 -7.83
N SER B 127 15.30 -13.03 -8.08
CA SER B 127 15.34 -12.32 -9.34
C SER B 127 16.18 -11.06 -9.19
N ILE B 128 17.17 -10.92 -10.07
CA ILE B 128 18.05 -9.75 -10.10
C ILE B 128 17.62 -8.85 -11.24
N TYR B 129 17.36 -7.59 -10.94
CA TYR B 129 16.87 -6.63 -11.91
C TYR B 129 17.95 -5.60 -12.21
N ASN B 130 18.19 -5.37 -13.50
CA ASN B 130 19.19 -4.42 -13.95
C ASN B 130 18.52 -3.06 -14.13
N LEU B 131 18.90 -2.09 -13.29
CA LEU B 131 18.31 -0.76 -13.35
C LEU B 131 18.94 0.13 -14.41
N LYS B 132 20.13 -0.21 -14.89
CA LYS B 132 20.92 0.64 -15.76
C LYS B 132 20.91 0.15 -17.21
N THR B 133 19.77 -0.37 -17.66
CA THR B 133 19.68 -0.89 -19.02
C THR B 133 19.82 0.25 -20.03
N ARG B 134 20.35 -0.09 -21.21
CA ARG B 134 20.40 0.85 -22.31
C ARG B 134 19.04 1.07 -22.96
N GLU B 135 18.13 0.10 -22.83
CA GLU B 135 16.79 0.23 -23.39
C GLU B 135 15.91 1.15 -22.58
N GLY B 136 16.32 1.49 -21.35
CA GLY B 136 15.56 2.38 -20.48
C GLY B 136 14.51 1.70 -19.64
N ASN B 137 14.21 0.43 -19.89
CA ASN B 137 13.35 -0.32 -19.00
C ASN B 137 14.19 -1.11 -17.99
N VAL B 138 13.51 -1.71 -17.02
CA VAL B 138 14.15 -2.57 -16.04
C VAL B 138 13.93 -4.01 -16.45
N ARG B 139 15.02 -4.74 -16.65
CA ARG B 139 14.98 -6.11 -17.11
C ARG B 139 15.51 -7.04 -16.02
N VAL B 140 14.91 -8.23 -15.94
CA VAL B 140 15.42 -9.25 -15.04
C VAL B 140 16.80 -9.65 -15.53
N SER B 141 17.84 -9.26 -14.79
CA SER B 141 19.19 -9.64 -15.17
C SER B 141 19.36 -11.15 -15.09
N ARG B 142 18.91 -11.76 -14.00
CA ARG B 142 19.00 -13.20 -13.84
C ARG B 142 18.01 -13.64 -12.78
N GLU B 143 17.59 -14.89 -12.88
CA GLU B 143 16.77 -15.53 -11.85
C GLU B 143 17.60 -16.64 -11.21
N LEU B 144 17.93 -16.46 -9.94
CA LEU B 144 18.74 -17.44 -9.21
C LEU B 144 17.83 -18.51 -8.66
N ALA B 145 18.09 -19.77 -9.03
CA ALA B 145 17.26 -20.89 -8.64
C ALA B 145 18.11 -22.01 -8.09
N GLY B 146 17.54 -22.76 -7.15
CA GLY B 146 18.25 -23.85 -6.49
C GLY B 146 17.88 -23.97 -5.02
N HIS B 147 17.34 -22.89 -4.44
CA HIS B 147 16.84 -22.97 -3.09
C HIS B 147 15.53 -23.75 -3.11
N THR B 148 15.35 -24.62 -2.14
CA THR B 148 14.15 -25.46 -1.98
C THR B 148 13.36 -24.90 -0.81
N GLY B 149 12.32 -24.13 -1.11
CA GLY B 149 11.59 -23.39 -0.11
C GLY B 149 11.69 -21.89 -0.32
N TYR B 150 10.77 -21.17 0.29
CA TYR B 150 10.66 -19.74 0.05
C TYR B 150 11.96 -19.03 0.43
N LEU B 151 12.22 -17.94 -0.28
CA LEU B 151 13.44 -17.14 -0.08
C LEU B 151 13.08 -15.94 0.78
N SER B 152 13.73 -15.81 1.94
CA SER B 152 13.32 -14.87 2.96
C SER B 152 14.16 -13.60 3.03
N CYS B 153 15.42 -13.66 2.62
CA CYS B 153 16.27 -12.47 2.65
C CYS B 153 17.34 -12.59 1.58
N CYS B 154 17.76 -11.44 1.06
CA CYS B 154 18.87 -11.39 0.10
C CYS B 154 19.61 -10.08 0.30
N ARG B 155 20.93 -10.12 0.11
CA ARG B 155 21.77 -8.95 0.32
C ARG B 155 22.95 -9.01 -0.64
N PHE B 156 23.20 -7.92 -1.36
CA PHE B 156 24.30 -7.87 -2.31
C PHE B 156 25.63 -7.69 -1.59
N LEU B 157 26.60 -8.56 -1.90
CA LEU B 157 27.98 -8.26 -1.57
C LEU B 157 28.59 -7.34 -2.60
N ASP B 158 28.18 -7.47 -3.85
CA ASP B 158 28.80 -6.83 -4.99
C ASP B 158 27.83 -6.95 -6.16
N ASP B 159 28.12 -6.26 -7.26
CA ASP B 159 27.31 -6.40 -8.46
C ASP B 159 27.21 -7.86 -8.89
N ASN B 160 28.25 -8.66 -8.64
CA ASN B 160 28.32 -10.03 -9.11
C ASN B 160 28.05 -11.07 -8.03
N GLN B 161 27.84 -10.66 -6.78
CA GLN B 161 27.62 -11.62 -5.69
C GLN B 161 26.45 -11.16 -4.83
N ILE B 162 25.56 -12.11 -4.49
CA ILE B 162 24.42 -11.85 -3.63
C ILE B 162 24.26 -13.02 -2.67
N VAL B 163 24.04 -12.72 -1.39
CA VAL B 163 23.79 -13.72 -0.37
C VAL B 163 22.29 -13.82 -0.15
N THR B 164 21.78 -15.05 -0.14
CA THR B 164 20.35 -15.30 0.05
C THR B 164 20.14 -16.31 1.17
N SER B 165 19.02 -16.16 1.87
CA SER B 165 18.59 -17.13 2.88
C SER B 165 17.16 -17.55 2.55
N SER B 166 16.81 -18.77 2.94
CA SER B 166 15.56 -19.36 2.48
C SER B 166 14.95 -20.20 3.58
N GLY B 167 13.65 -20.45 3.45
CA GLY B 167 12.98 -21.45 4.27
C GLY B 167 13.58 -22.83 4.12
N ASP B 168 14.40 -23.03 3.09
CA ASP B 168 15.17 -24.25 2.92
C ASP B 168 16.09 -24.55 4.11
N THR B 169 16.23 -23.61 5.04
CA THR B 169 17.12 -23.71 6.20
C THR B 169 18.58 -23.50 5.83
N THR B 170 18.87 -23.11 4.59
CA THR B 170 20.23 -22.88 4.14
C THR B 170 20.35 -21.49 3.53
N CYS B 171 21.51 -20.90 3.70
CA CYS B 171 21.89 -19.68 2.98
C CYS B 171 22.84 -20.06 1.84
N ALA B 172 22.97 -19.16 0.87
CA ALA B 172 23.79 -19.44 -0.29
C ALA B 172 24.39 -18.16 -0.84
N LEU B 173 25.61 -18.28 -1.35
CA LEU B 173 26.27 -17.20 -2.07
C LEU B 173 26.24 -17.52 -3.55
N TRP B 174 25.82 -16.55 -4.35
CA TRP B 174 25.56 -16.76 -5.77
C TRP B 174 26.51 -15.94 -6.62
N ASP B 175 27.09 -16.60 -7.63
CA ASP B 175 27.81 -15.89 -8.69
C ASP B 175 26.79 -15.47 -9.73
N ILE B 176 26.41 -14.19 -9.70
CA ILE B 176 25.31 -13.74 -10.54
C ILE B 176 25.65 -13.89 -12.02
N GLU B 177 26.93 -13.77 -12.37
CA GLU B 177 27.32 -13.93 -13.76
C GLU B 177 26.93 -15.30 -14.30
N THR B 178 27.29 -16.36 -13.56
CA THR B 178 26.91 -17.71 -13.95
C THR B 178 25.55 -18.12 -13.42
N GLY B 179 25.07 -17.47 -12.36
CA GLY B 179 23.80 -17.85 -11.77
C GLY B 179 23.87 -19.10 -10.93
N GLN B 180 25.06 -19.50 -10.48
CA GLN B 180 25.26 -20.72 -9.72
C GLN B 180 25.73 -20.37 -8.31
N GLN B 181 25.34 -21.20 -7.35
CA GLN B 181 25.74 -21.00 -5.97
C GLN B 181 27.25 -21.16 -5.85
N THR B 182 27.95 -20.07 -5.53
CA THR B 182 29.37 -20.18 -5.23
C THR B 182 29.60 -21.08 -4.01
N THR B 183 28.77 -20.90 -2.99
CA THR B 183 28.81 -21.76 -1.81
C THR B 183 27.45 -21.74 -1.15
N THR B 184 27.14 -22.82 -0.42
CA THR B 184 25.90 -22.93 0.32
C THR B 184 26.23 -23.09 1.80
N PHE B 185 25.49 -22.38 2.64
CA PHE B 185 25.70 -22.39 4.08
C PHE B 185 24.62 -23.24 4.71
N THR B 186 25.03 -24.25 5.48
CA THR B 186 24.11 -25.21 6.07
C THR B 186 24.43 -25.39 7.55
N GLY B 187 23.41 -25.70 8.33
CA GLY B 187 23.58 -25.91 9.75
C GLY B 187 22.39 -25.41 10.54
N HIS B 188 21.62 -24.49 9.98
CA HIS B 188 20.37 -24.09 10.61
C HIS B 188 19.37 -25.24 10.52
N THR B 189 18.58 -25.41 11.58
CA THR B 189 17.60 -26.48 11.66
C THR B 189 16.18 -25.95 11.49
N GLY B 190 16.03 -24.74 10.98
CA GLY B 190 14.72 -24.17 10.74
C GLY B 190 14.81 -23.14 9.65
N ASP B 191 13.67 -22.56 9.32
CA ASP B 191 13.64 -21.54 8.28
C ASP B 191 14.53 -20.37 8.67
N VAL B 192 15.44 -20.00 7.78
CA VAL B 192 16.22 -18.79 7.99
C VAL B 192 15.36 -17.60 7.58
N MET B 193 15.20 -16.64 8.49
CA MET B 193 14.25 -15.56 8.31
C MET B 193 14.89 -14.21 8.03
N SER B 194 16.14 -14.00 8.44
CA SER B 194 16.79 -12.72 8.23
C SER B 194 18.28 -12.95 8.07
N LEU B 195 18.94 -11.96 7.50
CA LEU B 195 20.36 -12.04 7.18
C LEU B 195 20.93 -10.63 7.13
N SER B 196 22.16 -10.47 7.58
CA SER B 196 22.82 -9.17 7.54
C SER B 196 24.29 -9.33 7.25
N LEU B 197 24.80 -8.48 6.35
CA LEU B 197 26.21 -8.48 6.01
C LEU B 197 27.00 -7.63 6.97
N ALA B 198 28.16 -8.14 7.39
CA ALA B 198 29.08 -7.31 8.15
C ALA B 198 29.60 -6.17 7.27
N PRO B 199 29.87 -5.01 7.85
CA PRO B 199 30.32 -3.88 7.02
C PRO B 199 31.55 -4.20 6.19
N ASP B 200 32.47 -5.01 6.71
CA ASP B 200 33.62 -5.44 5.92
C ASP B 200 33.24 -6.42 4.83
N THR B 201 32.02 -6.96 4.85
CA THR B 201 31.49 -7.86 3.84
C THR B 201 32.19 -9.22 3.84
N ARG B 202 33.09 -9.48 4.79
CA ARG B 202 33.68 -10.81 4.91
C ARG B 202 32.86 -11.74 5.78
N LEU B 203 31.97 -11.21 6.61
CA LEU B 203 31.10 -11.98 7.49
C LEU B 203 29.66 -11.55 7.30
N PHE B 204 28.74 -12.49 7.55
CA PHE B 204 27.32 -12.17 7.66
C PHE B 204 26.71 -13.09 8.71
N VAL B 205 25.60 -12.64 9.30
CA VAL B 205 24.90 -13.40 10.32
C VAL B 205 23.46 -13.62 9.85
N SER B 206 22.92 -14.78 10.21
CA SER B 206 21.55 -15.14 9.86
C SER B 206 20.85 -15.70 11.09
N GLY B 207 19.62 -15.24 11.31
CA GLY B 207 18.75 -15.80 12.34
C GLY B 207 17.73 -16.70 11.71
N ALA B 208 17.40 -17.78 12.42
CA ALA B 208 16.50 -18.80 11.89
C ALA B 208 15.39 -19.06 12.91
N CYS B 209 14.38 -19.81 12.48
CA CYS B 209 13.25 -20.16 13.34
C CYS B 209 13.62 -21.17 14.40
N ASP B 210 14.82 -21.74 14.35
CA ASP B 210 15.32 -22.56 15.45
C ASP B 210 15.76 -21.74 16.65
N ALA B 211 15.44 -20.44 16.65
CA ALA B 211 15.74 -19.55 17.77
C ALA B 211 17.23 -19.40 18.02
N SER B 212 18.03 -19.47 16.96
CA SER B 212 19.46 -19.27 17.04
C SER B 212 19.94 -18.37 15.90
N ALA B 213 21.11 -17.78 16.11
CA ALA B 213 21.80 -17.01 15.08
C ALA B 213 23.18 -17.61 14.86
N LYS B 214 23.66 -17.53 13.63
CA LYS B 214 24.96 -18.08 13.26
C LYS B 214 25.77 -17.05 12.51
N LEU B 215 27.09 -17.10 12.71
CA LEU B 215 28.03 -16.21 12.03
C LEU B 215 28.74 -17.01 10.95
N TRP B 216 28.61 -16.57 9.70
CA TRP B 216 29.13 -17.29 8.54
C TRP B 216 30.30 -16.53 7.94
N ASP B 217 31.37 -17.25 7.61
CA ASP B 217 32.46 -16.69 6.82
C ASP B 217 32.13 -16.84 5.35
N VAL B 218 32.05 -15.70 4.65
CA VAL B 218 31.60 -15.72 3.26
C VAL B 218 32.54 -16.55 2.40
N ARG B 219 33.85 -16.39 2.60
CA ARG B 219 34.84 -17.10 1.78
C ARG B 219 35.12 -18.50 2.29
N GLU B 220 35.13 -18.69 3.62
CA GLU B 220 35.38 -20.02 4.15
C GLU B 220 34.17 -20.94 3.98
N GLY B 221 32.96 -20.41 4.16
CA GLY B 221 31.76 -21.20 3.95
C GLY B 221 31.30 -22.02 5.13
N MET B 222 31.73 -21.69 6.34
CA MET B 222 31.31 -22.42 7.52
C MET B 222 30.96 -21.45 8.64
N CYS B 223 30.08 -21.88 9.53
CA CYS B 223 29.60 -21.03 10.62
C CYS B 223 30.61 -21.04 11.75
N ARG B 224 31.23 -19.89 12.01
CA ARG B 224 32.24 -19.81 13.05
C ARG B 224 31.64 -19.80 14.45
N GLN B 225 30.43 -19.26 14.60
CA GLN B 225 29.83 -19.12 15.92
C GLN B 225 28.32 -19.29 15.82
N THR B 226 27.71 -19.68 16.94
CA THR B 226 26.27 -19.85 17.05
C THR B 226 25.79 -19.21 18.35
N PHE B 227 24.67 -18.49 18.28
CA PHE B 227 24.09 -17.81 19.43
C PHE B 227 22.65 -18.30 19.62
N THR B 228 22.27 -18.57 20.87
CA THR B 228 21.03 -19.27 21.15
C THR B 228 20.21 -18.61 22.26
N GLY B 229 20.42 -17.32 22.52
CA GLY B 229 19.74 -16.68 23.63
C GLY B 229 18.23 -16.61 23.49
N HIS B 230 17.71 -16.54 22.27
CA HIS B 230 16.30 -16.29 22.08
C HIS B 230 15.47 -17.52 22.44
N GLU B 231 14.23 -17.27 22.86
CA GLU B 231 13.28 -18.32 23.18
C GLU B 231 12.37 -18.68 22.01
N SER B 232 12.44 -17.95 20.91
CA SER B 232 11.50 -18.15 19.81
C SER B 232 12.16 -17.76 18.50
N ASP B 233 11.40 -17.87 17.42
CA ASP B 233 11.90 -17.60 16.09
C ASP B 233 12.51 -16.20 16.00
N ILE B 234 13.67 -16.10 15.38
CA ILE B 234 14.34 -14.82 15.16
C ILE B 234 13.85 -14.26 13.83
N ASN B 235 13.10 -13.17 13.89
CA ASN B 235 12.55 -12.57 12.68
C ASN B 235 13.48 -11.56 12.03
N ALA B 236 14.41 -10.98 12.79
CA ALA B 236 15.24 -9.90 12.28
C ALA B 236 16.63 -9.99 12.88
N ILE B 237 17.61 -9.50 12.13
CA ILE B 237 18.99 -9.46 12.60
C ILE B 237 19.65 -8.25 11.95
N CYS B 238 20.57 -7.62 12.68
CA CYS B 238 21.27 -6.45 12.17
C CYS B 238 22.62 -6.33 12.86
N PHE B 239 23.65 -6.03 12.07
CA PHE B 239 24.99 -5.85 12.62
C PHE B 239 25.13 -4.50 13.29
N PHE B 240 25.90 -4.47 14.38
CA PHE B 240 26.31 -3.20 14.95
C PHE B 240 27.24 -2.47 13.96
N PRO B 241 27.16 -1.14 13.87
CA PRO B 241 27.86 -0.46 12.77
C PRO B 241 29.34 -0.74 12.69
N ASN B 242 29.98 -1.20 13.76
CA ASN B 242 31.39 -1.55 13.71
C ASN B 242 31.63 -3.00 13.33
N GLY B 243 30.57 -3.80 13.20
CA GLY B 243 30.71 -5.20 12.80
C GLY B 243 31.17 -6.14 13.89
N ASN B 244 31.25 -5.68 15.14
CA ASN B 244 31.65 -6.55 16.24
C ASN B 244 30.48 -7.15 17.00
N ALA B 245 29.29 -6.55 16.90
CA ALA B 245 28.10 -7.06 17.56
C ALA B 245 26.92 -6.95 16.61
N PHE B 246 25.85 -7.67 16.92
CA PHE B 246 24.65 -7.62 16.10
C PHE B 246 23.43 -7.80 16.99
N ALA B 247 22.35 -7.11 16.63
CA ALA B 247 21.08 -7.24 17.32
C ALA B 247 20.18 -8.22 16.59
N THR B 248 19.28 -8.84 17.33
CA THR B 248 18.32 -9.80 16.78
C THR B 248 16.93 -9.46 17.30
N GLY B 249 15.94 -9.71 16.48
CA GLY B 249 14.55 -9.59 16.89
C GLY B 249 13.85 -10.91 16.75
N SER B 250 12.99 -11.22 17.72
CA SER B 250 12.39 -12.53 17.83
C SER B 250 10.91 -12.43 18.16
N ASP B 251 10.18 -13.52 17.86
CA ASP B 251 8.77 -13.59 18.21
C ASP B 251 8.53 -13.50 19.72
N ASP B 252 9.53 -13.85 20.53
CA ASP B 252 9.38 -13.79 21.98
C ASP B 252 9.38 -12.36 22.53
N ALA B 253 9.25 -11.35 21.66
CA ALA B 253 9.09 -9.94 22.00
C ALA B 253 10.37 -9.31 22.54
N THR B 254 11.47 -10.03 22.61
CA THR B 254 12.73 -9.49 23.09
C THR B 254 13.70 -9.27 21.93
N CYS B 255 14.35 -8.11 21.92
CA CYS B 255 15.55 -7.90 21.14
C CYS B 255 16.76 -8.28 21.99
N ARG B 256 17.85 -8.64 21.33
CA ARG B 256 19.04 -9.06 22.05
C ARG B 256 20.29 -8.62 21.30
N LEU B 257 21.30 -8.22 22.06
CA LEU B 257 22.59 -7.81 21.51
C LEU B 257 23.62 -8.91 21.78
N PHE B 258 24.35 -9.29 20.74
CA PHE B 258 25.35 -10.34 20.81
C PHE B 258 26.70 -9.80 20.34
N ASP B 259 27.78 -10.26 20.98
CA ASP B 259 29.13 -9.84 20.65
C ASP B 259 29.87 -11.00 20.00
N LEU B 260 30.49 -10.73 18.85
CA LEU B 260 31.18 -11.78 18.10
C LEU B 260 32.43 -12.29 18.81
N ARG B 261 33.03 -11.50 19.69
CA ARG B 261 34.26 -11.88 20.37
C ARG B 261 34.01 -12.52 21.72
N ALA B 262 33.10 -11.97 22.52
CA ALA B 262 32.68 -12.64 23.74
C ALA B 262 31.80 -13.85 23.44
N ASP B 263 31.22 -13.91 22.24
CA ASP B 263 30.45 -15.06 21.80
C ASP B 263 29.31 -15.37 22.76
N GLN B 264 28.55 -14.34 23.11
CA GLN B 264 27.41 -14.52 24.00
C GLN B 264 26.57 -13.25 23.98
N GLU B 265 25.35 -13.38 24.51
CA GLU B 265 24.43 -12.26 24.59
C GLU B 265 24.95 -11.21 25.56
N LEU B 266 24.91 -9.94 25.14
CA LEU B 266 25.32 -8.85 26.01
C LEU B 266 24.14 -8.21 26.72
N MET B 267 23.00 -8.05 26.05
CA MET B 267 21.90 -7.30 26.62
C MET B 267 20.60 -7.72 25.98
N THR B 268 19.52 -7.64 26.75
CA THR B 268 18.17 -7.88 26.27
C THR B 268 17.36 -6.60 26.36
N TYR B 269 16.60 -6.31 25.31
CA TYR B 269 15.73 -5.13 25.27
C TYR B 269 14.30 -5.63 25.26
N SER B 270 13.60 -5.43 26.38
CA SER B 270 12.22 -5.90 26.50
C SER B 270 11.55 -5.13 27.62
N HIS B 271 10.21 -5.12 27.56
CA HIS B 271 9.40 -4.49 28.59
C HIS B 271 8.17 -5.36 28.82
N ASP B 272 7.67 -5.33 30.05
CA ASP B 272 6.50 -6.14 30.39
C ASP B 272 5.29 -5.72 29.57
N ASN B 273 5.22 -4.45 29.18
CA ASN B 273 4.12 -3.94 28.37
C ASN B 273 4.24 -4.35 26.91
N ILE B 274 5.32 -5.01 26.53
CA ILE B 274 5.56 -5.44 25.15
C ILE B 274 5.43 -6.95 25.10
N ILE B 275 4.43 -7.44 24.35
CA ILE B 275 4.27 -8.88 24.13
C ILE B 275 4.30 -9.25 22.63
N CYS B 276 4.22 -8.25 21.74
CA CYS B 276 4.26 -8.51 20.31
C CYS B 276 5.65 -8.97 19.88
N GLY B 277 5.67 -9.81 18.85
CA GLY B 277 6.94 -10.18 18.25
C GLY B 277 7.58 -9.01 17.53
N ILE B 278 8.88 -9.07 17.37
CA ILE B 278 9.66 -8.03 16.72
C ILE B 278 9.94 -8.45 15.28
N THR B 279 9.58 -7.59 14.33
CA THR B 279 9.67 -7.93 12.91
C THR B 279 10.96 -7.45 12.27
N SER B 280 11.54 -6.37 12.77
CA SER B 280 12.73 -5.77 12.15
C SER B 280 13.55 -5.08 13.22
N VAL B 281 14.85 -4.95 12.96
CA VAL B 281 15.75 -4.23 13.85
C VAL B 281 16.80 -3.53 13.00
N SER B 282 17.25 -2.37 13.48
CA SER B 282 18.38 -1.69 12.85
C SER B 282 18.97 -0.68 13.83
N PHE B 283 20.29 -0.53 13.77
CA PHE B 283 20.98 0.46 14.56
C PHE B 283 21.01 1.80 13.84
N SER B 284 21.16 2.87 14.61
CA SER B 284 21.47 4.16 14.04
C SER B 284 22.95 4.21 13.67
N LYS B 285 23.35 5.28 12.98
CA LYS B 285 24.70 5.34 12.42
C LYS B 285 25.75 5.19 13.51
N SER B 286 25.56 5.84 14.65
CA SER B 286 26.52 5.74 15.74
C SER B 286 26.42 4.43 16.49
N GLY B 287 25.29 3.73 16.40
CA GLY B 287 25.06 2.52 17.15
C GLY B 287 24.44 2.71 18.51
N ARG B 288 24.24 3.96 18.95
CA ARG B 288 23.64 4.20 20.26
C ARG B 288 22.16 3.86 20.29
N LEU B 289 21.47 3.99 19.16
CA LEU B 289 20.05 3.69 19.07
C LEU B 289 19.83 2.36 18.37
N LEU B 290 18.96 1.54 18.94
CA LEU B 290 18.48 0.31 18.31
C LEU B 290 16.99 0.45 18.07
N LEU B 291 16.60 0.47 16.80
CA LEU B 291 15.20 0.60 16.42
C LEU B 291 14.64 -0.76 16.08
N ALA B 292 13.43 -1.04 16.58
CA ALA B 292 12.79 -2.33 16.36
C ALA B 292 11.33 -2.11 15.98
N GLY B 293 10.86 -2.89 15.00
CA GLY B 293 9.48 -2.89 14.62
C GLY B 293 8.75 -4.09 15.22
N TYR B 294 7.48 -3.89 15.54
CA TYR B 294 6.70 -4.88 16.28
C TYR B 294 5.44 -5.24 15.52
N ASP B 295 4.82 -6.37 15.88
CA ASP B 295 3.52 -6.72 15.28
C ASP B 295 2.55 -5.65 15.76
N ASP B 296 2.79 -5.06 16.94
CA ASP B 296 1.98 -3.93 17.40
C ASP B 296 2.35 -2.89 16.40
N PHE B 297 1.47 -1.99 16.05
CA PHE B 297 1.78 -1.07 14.96
C PHE B 297 2.63 0.09 15.47
N ASN B 298 3.86 -0.18 15.92
CA ASN B 298 4.70 0.85 16.51
C ASN B 298 6.17 0.43 16.56
N CYS B 299 7.07 1.24 16.03
CA CYS B 299 8.51 1.00 16.13
C CYS B 299 9.03 1.66 17.40
N ASN B 300 9.74 0.88 18.21
CA ASN B 300 10.27 1.36 19.48
C ASN B 300 11.77 1.58 19.37
N VAL B 301 12.23 2.71 19.87
CA VAL B 301 13.64 3.09 19.84
C VAL B 301 14.25 2.75 21.18
N TRP B 302 15.31 1.96 21.18
CA TRP B 302 15.95 1.47 22.39
C TRP B 302 17.34 2.06 22.52
N ASP B 303 17.65 2.57 23.71
CA ASP B 303 19.03 2.96 24.00
C ASP B 303 19.88 1.70 23.98
N ALA B 304 20.72 1.56 22.96
CA ALA B 304 21.48 0.33 22.78
C ALA B 304 22.39 0.03 23.96
N LEU B 305 22.75 1.03 24.76
CA LEU B 305 23.64 0.84 25.89
C LEU B 305 22.89 0.72 27.22
N LYS B 306 21.99 1.65 27.51
CA LYS B 306 21.25 1.63 28.76
C LYS B 306 20.02 0.72 28.71
N ALA B 307 19.67 0.18 27.55
CA ALA B 307 18.51 -0.70 27.40
C ALA B 307 17.20 0.06 27.59
N ASP B 308 17.28 1.36 27.84
CA ASP B 308 16.08 2.13 28.10
C ASP B 308 15.31 2.37 26.80
N ARG B 309 13.99 2.37 26.90
CA ARG B 309 13.12 2.61 25.75
C ARG B 309 13.16 4.11 25.44
N ALA B 310 14.20 4.49 24.69
CA ALA B 310 14.48 5.91 24.47
C ALA B 310 13.34 6.64 23.77
N GLY B 311 12.45 5.93 23.09
CA GLY B 311 11.36 6.59 22.41
C GLY B 311 10.51 5.59 21.66
N VAL B 312 9.54 6.12 20.92
CA VAL B 312 8.62 5.30 20.15
C VAL B 312 8.20 6.06 18.90
N LEU B 313 8.44 5.46 17.74
CA LEU B 313 7.98 6.07 16.50
C LEU B 313 6.46 6.01 16.42
N ALA B 314 5.86 7.07 15.89
CA ALA B 314 4.41 7.20 15.89
C ALA B 314 3.75 6.02 15.17
N GLY B 315 2.43 5.97 15.21
CA GLY B 315 1.70 4.82 14.74
C GLY B 315 1.73 4.56 13.24
N HIS B 316 1.89 3.29 12.88
CA HIS B 316 1.42 2.76 11.61
C HIS B 316 0.02 2.19 11.83
N ASP B 317 -0.69 1.98 10.74
CA ASP B 317 -2.04 1.44 10.80
C ASP B 317 -2.08 -0.08 10.86
N ASN B 318 -0.93 -0.75 10.81
CA ASN B 318 -0.87 -2.19 10.80
C ASN B 318 0.55 -2.62 11.16
N ARG B 319 0.75 -3.93 11.26
CA ARG B 319 2.02 -4.50 11.66
C ARG B 319 3.19 -3.86 10.90
N VAL B 320 4.18 -3.36 11.64
CA VAL B 320 5.41 -2.87 11.02
C VAL B 320 6.20 -4.07 10.54
N SER B 321 6.45 -4.13 9.23
CA SER B 321 7.09 -5.30 8.63
C SER B 321 8.58 -5.11 8.38
N CYS B 322 9.04 -3.88 8.18
CA CYS B 322 10.45 -3.66 7.85
C CYS B 322 10.83 -2.23 8.22
N LEU B 323 12.11 -2.05 8.51
CA LEU B 323 12.66 -0.71 8.73
C LEU B 323 14.16 -0.75 8.47
N GLY B 324 14.70 0.41 8.12
CA GLY B 324 16.12 0.53 7.88
C GLY B 324 16.57 1.96 7.95
N VAL B 325 17.81 2.16 8.39
CA VAL B 325 18.39 3.48 8.59
C VAL B 325 19.29 3.80 7.41
N THR B 326 19.16 5.01 6.86
CA THR B 326 19.99 5.42 5.76
C THR B 326 21.45 5.20 6.10
N ASP B 327 22.27 5.00 5.06
CA ASP B 327 23.69 4.73 5.29
C ASP B 327 24.37 5.92 5.96
N ASP B 328 23.86 7.13 5.73
CA ASP B 328 24.37 8.33 6.39
C ASP B 328 23.71 8.59 7.73
N GLY B 329 22.70 7.81 8.11
CA GLY B 329 22.05 7.94 9.38
C GLY B 329 21.03 9.05 9.49
N MET B 330 20.76 9.78 8.42
CA MET B 330 19.87 10.93 8.51
C MET B 330 18.46 10.52 8.91
N ALA B 331 17.93 9.41 8.39
CA ALA B 331 16.51 9.13 8.55
C ALA B 331 16.28 7.63 8.69
N VAL B 332 15.14 7.31 9.28
CA VAL B 332 14.64 5.95 9.42
C VAL B 332 13.43 5.80 8.51
N ALA B 333 13.41 4.74 7.71
CA ALA B 333 12.24 4.38 6.93
C ALA B 333 11.64 3.11 7.53
N THR B 334 10.33 3.13 7.75
CA THR B 334 9.60 1.96 8.22
C THR B 334 8.50 1.64 7.23
N GLY B 335 8.39 0.37 6.86
CA GLY B 335 7.28 -0.12 6.07
C GLY B 335 6.40 -0.99 6.94
N SER B 336 5.12 -1.07 6.59
CA SER B 336 4.17 -1.85 7.37
C SER B 336 3.11 -2.39 6.44
N TRP B 337 2.30 -3.31 6.99
CA TRP B 337 1.27 -3.97 6.20
C TRP B 337 0.15 -3.02 5.79
N ASP B 338 0.15 -1.78 6.27
CA ASP B 338 -0.83 -0.79 5.84
C ASP B 338 -0.50 -0.19 4.48
N SER B 339 0.56 -0.65 3.81
CA SER B 339 0.95 -0.29 2.46
C SER B 339 1.68 1.05 2.37
N PHE B 340 2.14 1.62 3.48
CA PHE B 340 2.83 2.89 3.46
C PHE B 340 4.23 2.73 4.05
N LEU B 341 5.21 3.34 3.39
CA LEU B 341 6.49 3.60 4.01
C LEU B 341 6.44 4.99 4.63
N LYS B 342 6.96 5.11 5.84
CA LYS B 342 7.07 6.38 6.52
C LYS B 342 8.54 6.61 6.87
N ILE B 343 8.99 7.85 6.69
CA ILE B 343 10.37 8.22 6.91
C ILE B 343 10.42 9.12 8.13
N TRP B 344 11.28 8.76 9.09
CA TRP B 344 11.31 9.40 10.40
C TRP B 344 12.68 10.03 10.62
N ASN B 345 12.69 11.24 11.15
CA ASN B 345 13.93 11.96 11.39
C ASN B 345 13.78 12.97 12.50
N GLY C 23 -55.04 41.22 11.77
CA GLY C 23 -54.21 40.91 12.92
C GLY C 23 -54.65 39.63 13.60
N ARG C 24 -53.66 38.92 14.15
CA ARG C 24 -53.89 37.62 14.76
C ARG C 24 -53.97 37.77 16.26
N PRO C 25 -55.11 37.45 16.90
CA PRO C 25 -55.14 37.40 18.37
C PRO C 25 -54.43 36.19 18.97
N PHE C 26 -53.75 35.37 18.16
CA PHE C 26 -53.22 34.09 18.62
C PHE C 26 -51.80 33.90 18.12
N PHE C 27 -51.09 33.01 18.80
CA PHE C 27 -49.75 32.61 18.40
C PHE C 27 -49.82 31.60 17.25
N LEU C 28 -48.79 31.62 16.40
CA LEU C 28 -48.79 30.76 15.22
C LEU C 28 -47.35 30.49 14.82
N PHE C 29 -46.93 29.23 14.90
CA PHE C 29 -45.59 28.84 14.49
C PHE C 29 -45.43 28.98 12.97
N ARG C 30 -44.17 29.11 12.55
CA ARG C 30 -43.83 29.07 11.14
C ARG C 30 -43.21 27.72 10.78
N PRO C 31 -43.50 27.16 9.62
CA PRO C 31 -42.93 25.86 9.27
C PRO C 31 -41.42 25.93 9.19
N ARG C 32 -40.77 24.82 9.54
CA ARG C 32 -39.31 24.78 9.56
C ARG C 32 -38.82 24.51 8.14
N ASN C 33 -38.21 25.53 7.53
CA ASN C 33 -37.67 25.42 6.18
C ASN C 33 -36.21 25.83 6.17
N GLN C 34 -35.40 24.86 5.75
N VAL D 2 19.95 -0.29 -30.06
CA VAL D 2 19.29 1.04 -29.93
C VAL D 2 19.54 1.85 -31.20
N GLN D 3 18.48 2.39 -31.79
CA GLN D 3 18.62 3.20 -32.99
C GLN D 3 17.50 4.23 -33.06
N LEU D 4 17.82 5.38 -33.65
CA LEU D 4 16.84 6.37 -34.05
C LEU D 4 17.15 6.74 -35.49
N VAL D 5 16.14 6.68 -36.35
CA VAL D 5 16.31 6.85 -37.79
C VAL D 5 15.32 7.92 -38.25
N GLU D 6 15.82 9.14 -38.47
CA GLU D 6 14.97 10.21 -38.97
C GLU D 6 14.74 10.04 -40.46
N SER D 7 13.57 10.48 -40.93
CA SER D 7 13.21 10.39 -42.34
C SER D 7 12.48 11.65 -42.75
N GLY D 8 12.37 11.84 -44.06
CA GLY D 8 11.80 13.05 -44.60
C GLY D 8 12.87 14.04 -45.05
N GLY D 9 12.61 15.33 -44.90
CA GLY D 9 13.57 16.34 -45.29
C GLY D 9 13.56 16.63 -46.78
N GLY D 10 14.74 16.67 -47.38
CA GLY D 10 14.85 17.01 -48.79
C GLY D 10 14.78 18.50 -49.04
N LEU D 11 14.22 18.89 -50.18
CA LEU D 11 14.08 20.29 -50.55
C LEU D 11 12.60 20.66 -50.56
N VAL D 12 12.26 21.76 -49.88
CA VAL D 12 10.90 22.27 -49.82
C VAL D 12 10.94 23.78 -50.00
N GLN D 13 10.01 24.32 -50.78
CA GLN D 13 9.99 25.75 -51.05
C GLN D 13 9.55 26.51 -49.79
N PRO D 14 9.97 27.77 -49.66
CA PRO D 14 9.56 28.55 -48.49
C PRO D 14 8.05 28.69 -48.42
N GLY D 15 7.53 28.71 -47.19
CA GLY D 15 6.10 28.73 -46.96
C GLY D 15 5.43 27.38 -47.09
N GLY D 16 6.13 26.35 -47.51
CA GLY D 16 5.57 25.02 -47.60
C GLY D 16 5.48 24.36 -46.24
N SER D 17 5.06 23.10 -46.26
CA SER D 17 4.96 22.28 -45.07
C SER D 17 5.69 20.97 -45.28
N ARG D 18 6.18 20.40 -44.18
CA ARG D 18 6.89 19.13 -44.24
C ARG D 18 6.68 18.40 -42.93
N LYS D 19 6.80 17.07 -42.99
CA LYS D 19 6.67 16.21 -41.81
C LYS D 19 7.93 15.37 -41.67
N LEU D 20 8.59 15.49 -40.52
CA LEU D 20 9.72 14.63 -40.19
C LEU D 20 9.25 13.44 -39.38
N SER D 21 9.87 12.29 -39.63
CA SER D 21 9.56 11.05 -38.94
C SER D 21 10.83 10.51 -38.30
N CYS D 22 10.69 9.93 -37.11
CA CYS D 22 11.82 9.40 -36.35
C CYS D 22 11.42 8.04 -35.80
N SER D 23 11.90 6.98 -36.44
CA SER D 23 11.57 5.61 -36.04
C SER D 23 12.55 5.15 -34.96
N ALA D 24 12.00 4.72 -33.82
CA ALA D 24 12.79 4.28 -32.68
C ALA D 24 12.72 2.77 -32.56
N SER D 25 13.86 2.15 -32.30
CA SER D 25 13.92 0.71 -32.14
C SER D 25 14.97 0.36 -31.11
N GLY D 26 14.80 -0.80 -30.48
CA GLY D 26 15.76 -1.29 -29.52
C GLY D 26 15.74 -0.62 -28.16
N PHE D 27 14.76 0.22 -27.89
CA PHE D 27 14.62 0.78 -26.55
C PHE D 27 13.16 1.11 -26.29
N ALA D 28 12.83 1.26 -25.01
CA ALA D 28 11.46 1.46 -24.55
C ALA D 28 10.97 2.88 -24.86
N PHE D 29 10.82 3.14 -26.16
CA PHE D 29 10.44 4.47 -26.63
C PHE D 29 9.39 5.13 -25.76
N SER D 30 8.35 4.39 -25.38
CA SER D 30 7.21 4.98 -24.69
C SER D 30 7.63 5.70 -23.41
N SER D 31 8.67 5.21 -22.73
CA SER D 31 9.08 5.76 -21.45
C SER D 31 10.03 6.95 -21.59
N PHE D 32 10.53 7.24 -22.78
CA PHE D 32 11.51 8.30 -22.99
C PHE D 32 10.83 9.58 -23.46
N GLY D 33 11.27 10.71 -22.92
CA GLY D 33 11.03 11.97 -23.57
C GLY D 33 11.90 12.12 -24.80
N MET D 34 11.41 12.89 -25.77
CA MET D 34 12.05 13.02 -27.06
C MET D 34 12.24 14.49 -27.40
N HIS D 35 13.36 14.80 -28.05
CA HIS D 35 13.68 16.14 -28.49
C HIS D 35 13.99 16.15 -29.98
N TRP D 36 13.70 17.27 -30.62
CA TRP D 36 14.21 17.57 -31.95
C TRP D 36 15.27 18.66 -31.81
N VAL D 37 16.44 18.41 -32.39
CA VAL D 37 17.58 19.33 -32.26
C VAL D 37 18.01 19.73 -33.67
N ARG D 38 17.95 21.02 -33.96
CA ARG D 38 18.33 21.55 -35.26
C ARG D 38 19.80 21.90 -35.29
N GLN D 39 20.40 21.77 -36.48
CA GLN D 39 21.78 22.20 -36.70
C GLN D 39 21.87 22.78 -38.11
N ALA D 40 21.91 24.10 -38.21
CA ALA D 40 22.06 24.73 -39.51
C ALA D 40 23.42 24.37 -40.11
N PRO D 41 23.55 24.41 -41.43
CA PRO D 41 24.81 23.98 -42.06
C PRO D 41 26.00 24.75 -41.51
N GLU D 42 27.00 24.01 -41.02
CA GLU D 42 28.23 24.58 -40.48
C GLU D 42 27.97 25.49 -39.28
N LYS D 43 26.83 25.34 -38.61
CA LYS D 43 26.49 26.12 -37.43
C LYS D 43 26.27 25.20 -36.24
N GLY D 44 26.05 25.81 -35.08
CA GLY D 44 25.88 25.06 -33.86
C GLY D 44 24.51 24.42 -33.75
N LEU D 45 24.37 23.59 -32.71
CA LEU D 45 23.12 22.91 -32.45
C LEU D 45 22.08 23.89 -31.91
N GLU D 46 20.81 23.56 -32.09
CA GLU D 46 19.72 24.41 -31.64
C GLU D 46 18.52 23.55 -31.30
N TRP D 47 18.10 23.61 -30.04
CA TRP D 47 16.94 22.83 -29.59
C TRP D 47 15.68 23.32 -30.27
N VAL D 48 14.88 22.38 -30.78
CA VAL D 48 13.69 22.71 -31.55
C VAL D 48 12.43 22.53 -30.72
N ALA D 49 12.19 21.30 -30.25
CA ALA D 49 10.95 20.98 -29.56
C ALA D 49 11.19 19.78 -28.65
N TYR D 50 10.32 19.66 -27.65
CA TYR D 50 10.39 18.57 -26.68
C TYR D 50 8.99 18.04 -26.41
N ILE D 51 8.87 16.71 -26.33
CA ILE D 51 7.63 16.05 -25.94
C ILE D 51 7.97 15.00 -24.89
N SER D 52 7.33 15.09 -23.73
CA SER D 52 7.65 14.21 -22.63
C SER D 52 7.09 12.81 -22.86
N SER D 53 7.49 11.87 -22.00
CA SER D 53 6.89 10.55 -22.02
C SER D 53 5.40 10.65 -21.68
N GLY D 54 4.59 9.89 -22.41
CA GLY D 54 3.16 10.00 -22.25
C GLY D 54 2.58 11.31 -22.75
N SER D 55 3.34 12.08 -23.51
CA SER D 55 2.86 13.32 -24.13
C SER D 55 2.32 14.31 -23.13
N GLY D 56 2.70 14.19 -21.86
CA GLY D 56 2.16 15.07 -20.84
C GLY D 56 2.58 16.52 -21.00
N THR D 57 3.79 16.75 -21.51
CA THR D 57 4.35 18.08 -21.63
C THR D 57 4.96 18.25 -23.02
N ILE D 58 4.75 19.43 -23.62
CA ILE D 58 5.33 19.77 -24.90
C ILE D 58 5.87 21.19 -24.82
N TYR D 59 7.06 21.39 -25.37
CA TYR D 59 7.71 22.70 -25.39
C TYR D 59 8.29 22.95 -26.77
N TYR D 60 8.35 24.23 -27.15
CA TYR D 60 8.91 24.65 -28.43
C TYR D 60 9.81 25.84 -28.21
N ALA D 61 10.79 25.99 -29.09
CA ALA D 61 11.56 27.22 -29.15
C ALA D 61 10.74 28.30 -29.84
N ASP D 62 10.95 29.55 -29.41
CA ASP D 62 10.15 30.64 -29.97
C ASP D 62 10.37 30.81 -31.47
N THR D 63 11.52 30.38 -31.98
CA THR D 63 11.76 30.42 -33.41
C THR D 63 10.76 29.57 -34.19
N VAL D 64 10.16 28.57 -33.54
CA VAL D 64 9.33 27.60 -34.23
C VAL D 64 7.95 27.46 -33.58
N LYS D 65 7.76 28.09 -32.43
CA LYS D 65 6.49 27.99 -31.73
C LYS D 65 5.34 28.35 -32.67
N GLY D 66 4.31 27.51 -32.67
CA GLY D 66 3.17 27.71 -33.55
C GLY D 66 3.41 27.19 -34.95
N ARG D 67 4.58 27.50 -35.51
CA ARG D 67 4.91 27.01 -36.85
C ARG D 67 5.09 25.50 -36.86
N PHE D 68 5.77 24.96 -35.84
CA PHE D 68 6.03 23.53 -35.74
C PHE D 68 5.09 22.88 -34.74
N THR D 69 4.95 21.56 -34.88
CA THR D 69 4.16 20.77 -33.94
C THR D 69 4.81 19.40 -33.79
N ILE D 70 5.05 18.99 -32.55
CA ILE D 70 5.70 17.72 -32.25
C ILE D 70 4.66 16.75 -31.71
N SER D 71 4.71 15.51 -32.20
CA SER D 71 3.79 14.48 -31.76
C SER D 71 4.49 13.13 -31.85
N ARG D 72 3.98 12.17 -31.07
CA ARG D 72 4.56 10.84 -30.99
C ARG D 72 3.46 9.81 -31.06
N ASP D 73 3.81 8.62 -31.57
CA ASP D 73 2.89 7.49 -31.68
C ASP D 73 3.56 6.32 -30.95
N ASP D 74 3.30 6.22 -29.65
CA ASP D 74 4.01 5.25 -28.83
C ASP D 74 3.85 3.81 -29.35
N PRO D 75 2.67 3.35 -29.76
CA PRO D 75 2.56 1.98 -30.26
C PRO D 75 3.42 1.72 -31.49
N LYS D 76 3.70 2.73 -32.30
CA LYS D 76 4.51 2.57 -33.50
C LYS D 76 5.96 3.00 -33.29
N ASN D 77 6.33 3.36 -32.07
CA ASN D 77 7.70 3.78 -31.75
C ASN D 77 8.22 4.80 -32.75
N THR D 78 7.37 5.80 -33.03
CA THR D 78 7.67 6.81 -34.02
C THR D 78 7.41 8.20 -33.45
N LEU D 79 8.34 9.12 -33.71
CA LEU D 79 8.23 10.51 -33.31
C LEU D 79 8.10 11.38 -34.55
N PHE D 80 7.19 12.36 -34.51
CA PHE D 80 6.90 13.20 -35.65
C PHE D 80 7.14 14.67 -35.31
N LEU D 81 7.63 15.41 -36.29
CA LEU D 81 7.66 16.88 -36.25
C LEU D 81 6.90 17.40 -37.44
N GLN D 82 5.84 18.17 -37.20
CA GLN D 82 5.03 18.75 -38.24
C GLN D 82 5.40 20.22 -38.40
N MET D 83 5.87 20.58 -39.59
CA MET D 83 6.29 21.95 -39.89
C MET D 83 5.36 22.53 -40.94
N THR D 84 4.66 23.60 -40.59
CA THR D 84 3.60 24.14 -41.44
C THR D 84 4.06 25.26 -42.36
N SER D 85 5.02 26.10 -41.91
CA SER D 85 5.45 27.26 -42.69
C SER D 85 6.98 27.30 -42.64
N LEU D 86 7.60 26.67 -43.63
CA LEU D 86 9.05 26.61 -43.69
C LEU D 86 9.63 27.98 -44.08
N ARG D 87 10.82 28.26 -43.56
CA ARG D 87 11.54 29.48 -43.85
C ARG D 87 12.99 29.13 -44.20
N SER D 88 13.70 30.12 -44.73
CA SER D 88 15.14 29.94 -44.95
C SER D 88 15.84 29.65 -43.63
N GLU D 89 15.37 30.25 -42.53
CA GLU D 89 15.94 29.98 -41.22
C GLU D 89 15.86 28.50 -40.86
N ASP D 90 14.88 27.79 -41.41
CA ASP D 90 14.62 26.40 -41.00
C ASP D 90 15.51 25.39 -41.69
N THR D 91 16.33 25.79 -42.66
CA THR D 91 17.22 24.83 -43.32
C THR D 91 18.27 24.36 -42.32
N ALA D 92 18.35 23.05 -42.13
CA ALA D 92 19.26 22.47 -41.16
C ALA D 92 19.09 20.95 -41.15
N MET D 93 20.06 20.28 -40.56
CA MET D 93 19.91 18.86 -40.25
C MET D 93 19.19 18.72 -38.92
N TYR D 94 18.12 17.93 -38.91
CA TYR D 94 17.28 17.75 -37.73
C TYR D 94 17.59 16.40 -37.10
N TYR D 95 17.98 16.43 -35.83
CA TYR D 95 18.31 15.23 -35.08
C TYR D 95 17.16 14.83 -34.18
N CYS D 96 17.03 13.52 -33.98
CA CYS D 96 16.07 12.94 -33.03
C CYS D 96 16.85 12.49 -31.81
N VAL D 97 16.45 12.94 -30.63
CA VAL D 97 17.21 12.73 -29.41
C VAL D 97 16.26 12.28 -28.30
N ARG D 98 16.62 11.20 -27.61
CA ARG D 98 15.85 10.70 -26.49
C ARG D 98 16.33 11.31 -25.18
N SER D 99 15.45 11.33 -24.19
CA SER D 99 15.79 11.85 -22.87
C SER D 99 14.83 11.26 -21.86
N ILE D 100 15.37 10.58 -20.86
CA ILE D 100 14.59 10.00 -19.77
C ILE D 100 14.98 10.71 -18.48
N TYR D 101 13.99 11.15 -17.72
CA TYR D 101 14.19 12.02 -16.58
C TYR D 101 13.76 11.32 -15.30
N TYR D 102 14.72 11.04 -14.43
CA TYR D 102 14.47 10.62 -13.07
C TYR D 102 15.76 10.82 -12.30
N TYR D 103 15.70 10.67 -10.98
CA TYR D 103 16.88 10.91 -10.17
C TYR D 103 18.05 10.09 -10.68
N GLY D 104 19.09 10.75 -11.18
CA GLY D 104 20.28 10.09 -11.64
C GLY D 104 20.27 9.63 -13.08
N SER D 105 19.24 9.96 -13.85
CA SER D 105 19.20 9.60 -15.25
C SER D 105 20.17 10.47 -16.05
N SER D 106 20.44 10.04 -17.28
CA SER D 106 21.32 10.76 -18.20
C SER D 106 20.52 11.11 -19.44
N PRO D 107 19.82 12.24 -19.46
CA PRO D 107 19.08 12.63 -20.66
C PRO D 107 20.01 12.99 -21.80
N PHE D 108 19.45 12.99 -23.00
CA PHE D 108 20.19 13.29 -24.24
C PHE D 108 21.29 12.26 -24.50
N ASP D 109 21.15 11.04 -23.99
CA ASP D 109 22.21 10.06 -24.10
C ASP D 109 22.33 9.43 -25.48
N PHE D 110 21.32 9.57 -26.34
CA PHE D 110 21.39 8.99 -27.67
C PHE D 110 20.77 9.92 -28.70
N TRP D 111 21.45 10.05 -29.83
CA TRP D 111 21.07 10.93 -30.92
C TRP D 111 20.93 10.12 -32.20
N GLY D 112 19.86 10.34 -32.94
CA GLY D 112 19.72 9.75 -34.26
C GLY D 112 20.72 10.35 -35.24
N GLN D 113 20.82 9.71 -36.40
CA GLN D 113 21.74 10.19 -37.43
C GLN D 113 21.23 11.43 -38.14
N GLY D 114 19.96 11.79 -37.96
CA GLY D 114 19.44 13.05 -38.45
C GLY D 114 19.04 12.99 -39.91
N THR D 115 18.26 13.99 -40.31
CA THR D 115 17.81 14.16 -41.68
C THR D 115 17.97 15.62 -42.07
N THR D 116 18.39 15.86 -43.31
CA THR D 116 18.68 17.20 -43.78
C THR D 116 17.44 17.81 -44.44
N LEU D 117 17.06 19.00 -44.00
CA LEU D 117 16.01 19.78 -44.62
C LEU D 117 16.63 21.02 -45.27
N THR D 118 16.36 21.21 -46.56
CA THR D 118 16.81 22.37 -47.29
C THR D 118 15.61 23.18 -47.75
N VAL D 119 15.73 24.50 -47.72
CA VAL D 119 14.67 25.40 -48.16
C VAL D 119 15.28 26.39 -49.14
N SER D 120 14.62 26.54 -50.29
CA SER D 120 15.08 27.48 -51.31
C SER D 120 15.04 28.91 -50.78
N SER D 135 14.26 35.57 -25.78
CA SER D 135 14.52 36.92 -25.28
C SER D 135 15.09 36.88 -23.87
N SER D 136 14.33 36.29 -22.94
CA SER D 136 14.76 36.16 -21.56
C SER D 136 15.52 34.86 -21.31
N ASP D 137 15.73 34.04 -22.33
CA ASP D 137 16.36 32.74 -22.17
C ASP D 137 17.83 32.88 -21.83
N ILE D 138 18.41 31.77 -21.35
CA ILE D 138 19.80 31.75 -20.89
C ILE D 138 20.72 31.73 -22.11
N VAL D 139 21.71 32.63 -22.11
CA VAL D 139 22.70 32.68 -23.17
C VAL D 139 23.93 31.87 -22.75
N MET D 140 24.29 30.89 -23.57
CA MET D 140 25.50 30.10 -23.37
C MET D 140 26.57 30.55 -24.38
N THR D 141 27.81 30.66 -23.91
CA THR D 141 28.89 31.18 -24.73
C THR D 141 30.14 30.33 -24.59
N GLN D 142 30.82 30.09 -25.71
CA GLN D 142 32.11 29.42 -25.77
C GLN D 142 33.04 30.32 -26.57
N ALA D 143 33.76 31.20 -25.85
CA ALA D 143 34.53 32.25 -26.53
C ALA D 143 35.59 31.68 -27.45
N THR D 144 36.13 30.51 -27.13
CA THR D 144 37.18 29.89 -27.94
C THR D 144 36.51 29.04 -29.01
N SER D 145 36.42 29.58 -30.23
CA SER D 145 35.74 28.87 -31.31
C SER D 145 36.49 27.62 -31.74
N SER D 146 37.83 27.65 -31.69
CA SER D 146 38.63 26.52 -32.12
C SER D 146 39.93 26.50 -31.34
N VAL D 147 40.51 25.30 -31.23
CA VAL D 147 41.78 25.09 -30.54
C VAL D 147 42.61 24.12 -31.35
N PRO D 148 43.78 24.52 -31.86
CA PRO D 148 44.73 23.53 -32.40
C PRO D 148 45.34 22.71 -31.28
N VAL D 149 45.31 21.38 -31.43
CA VAL D 149 45.74 20.48 -30.37
C VAL D 149 46.40 19.26 -30.99
N THR D 150 47.21 18.57 -30.17
CA THR D 150 47.91 17.37 -30.59
C THR D 150 47.58 16.21 -29.66
N PRO D 151 47.66 14.97 -30.15
CA PRO D 151 47.37 13.82 -29.29
C PRO D 151 48.29 13.77 -28.07
N GLY D 152 47.73 13.32 -26.95
CA GLY D 152 48.45 13.28 -25.70
C GLY D 152 48.37 14.54 -24.88
N GLU D 153 47.77 15.61 -25.41
CA GLU D 153 47.66 16.86 -24.68
C GLU D 153 46.48 16.84 -23.71
N SER D 154 46.67 17.49 -22.56
CA SER D 154 45.59 17.63 -21.58
C SER D 154 44.75 18.87 -21.92
N VAL D 155 43.85 18.66 -22.87
CA VAL D 155 43.04 19.77 -23.40
C VAL D 155 42.06 20.25 -22.35
N SER D 156 41.68 21.51 -22.44
CA SER D 156 40.62 22.10 -21.63
C SER D 156 39.75 23.01 -22.48
N ILE D 157 38.43 22.87 -22.33
CA ILE D 157 37.46 23.68 -23.07
C ILE D 157 36.58 24.40 -22.06
N SER D 158 36.54 25.72 -22.15
CA SER D 158 35.81 26.54 -21.19
C SER D 158 34.40 26.88 -21.70
N CYS D 159 33.53 27.27 -20.77
CA CYS D 159 32.18 27.70 -21.07
C CYS D 159 31.70 28.64 -20.00
N ARG D 160 30.71 29.47 -20.35
CA ARG D 160 30.07 30.36 -19.38
C ARG D 160 28.58 30.49 -19.72
N SER D 161 27.81 30.88 -18.72
CA SER D 161 26.37 31.09 -18.86
C SER D 161 25.98 32.46 -18.35
N SER D 162 24.93 33.04 -18.96
CA SER D 162 24.44 34.33 -18.50
C SER D 162 23.75 34.22 -17.14
N LYS D 163 23.17 33.06 -16.84
CA LYS D 163 22.56 32.78 -15.56
C LYS D 163 23.23 31.59 -14.93
N SER D 164 23.31 31.59 -13.59
CA SER D 164 23.95 30.48 -12.89
C SER D 164 23.10 29.23 -13.01
N LEU D 165 23.72 28.15 -13.50
CA LEU D 165 23.00 26.90 -13.73
C LEU D 165 22.90 26.04 -12.47
N LEU D 166 23.54 26.43 -11.38
CA LEU D 166 23.48 25.67 -10.14
C LEU D 166 22.13 25.93 -9.48
N HIS D 167 21.27 24.92 -9.43
CA HIS D 167 19.95 25.05 -8.82
C HIS D 167 20.04 24.86 -7.32
N SER D 168 19.01 25.32 -6.63
CA SER D 168 18.99 25.21 -5.17
C SER D 168 19.13 23.76 -4.72
N ASN D 169 18.64 22.81 -5.52
CA ASN D 169 18.70 21.40 -5.15
C ASN D 169 20.11 20.82 -5.24
N GLY D 170 21.10 21.61 -5.66
CA GLY D 170 22.46 21.16 -5.75
C GLY D 170 22.92 20.71 -7.12
N ASN D 171 21.99 20.50 -8.05
CA ASN D 171 22.37 20.09 -9.39
C ASN D 171 22.84 21.28 -10.22
N THR D 172 23.85 21.06 -11.04
CA THR D 172 24.31 22.03 -12.03
C THR D 172 23.97 21.46 -13.40
N TYR D 173 22.96 22.05 -14.05
CA TYR D 173 22.37 21.48 -15.26
C TYR D 173 23.15 21.90 -16.51
N LEU D 174 24.40 21.44 -16.58
CA LEU D 174 25.24 21.65 -17.74
C LEU D 174 25.55 20.31 -18.40
N TYR D 175 25.45 20.28 -19.73
CA TYR D 175 25.72 19.09 -20.52
C TYR D 175 26.79 19.39 -21.57
N TRP D 176 27.63 18.40 -21.85
CA TRP D 176 28.69 18.51 -22.85
C TRP D 176 28.50 17.45 -23.92
N PHE D 177 28.51 17.87 -25.18
CA PHE D 177 28.31 16.98 -26.30
C PHE D 177 29.52 17.06 -27.23
N LEU D 178 29.92 15.92 -27.77
CA LEU D 178 30.95 15.84 -28.80
C LEU D 178 30.32 15.41 -30.12
N GLN D 179 30.57 16.18 -31.17
CA GLN D 179 30.12 15.84 -32.51
C GLN D 179 31.34 15.66 -33.41
N ARG D 180 31.62 14.43 -33.78
CA ARG D 180 32.71 14.14 -34.69
C ARG D 180 32.30 14.44 -36.12
N PRO D 181 33.26 14.67 -37.02
CA PRO D 181 32.89 15.03 -38.40
C PRO D 181 32.00 13.98 -39.05
N GLY D 182 30.87 14.43 -39.58
CA GLY D 182 29.96 13.53 -40.27
C GLY D 182 29.21 12.58 -39.36
N GLN D 183 29.08 12.92 -38.08
CA GLN D 183 28.37 12.10 -37.12
C GLN D 183 27.48 12.97 -36.25
N SER D 184 26.47 12.36 -35.65
CA SER D 184 25.59 13.06 -34.74
C SER D 184 26.28 13.29 -33.40
N PRO D 185 25.83 14.29 -32.64
CA PRO D 185 26.46 14.57 -31.35
C PRO D 185 26.37 13.37 -30.42
N GLN D 186 27.42 13.20 -29.62
CA GLN D 186 27.48 12.17 -28.60
C GLN D 186 27.54 12.84 -27.23
N LEU D 187 26.72 12.38 -26.30
CA LEU D 187 26.73 12.92 -24.95
C LEU D 187 28.01 12.50 -24.23
N LEU D 188 28.73 13.48 -23.68
CA LEU D 188 29.93 13.23 -22.90
C LEU D 188 29.67 13.32 -21.40
N ILE D 189 29.09 14.43 -20.95
CA ILE D 189 28.82 14.66 -19.54
C ILE D 189 27.37 15.12 -19.43
N TYR D 190 26.59 14.46 -18.56
CA TYR D 190 25.16 14.72 -18.48
C TYR D 190 24.79 15.54 -17.25
N ARG D 191 25.77 16.08 -16.52
CA ARG D 191 25.51 17.04 -15.43
C ARG D 191 26.93 17.56 -15.22
N MET D 192 27.18 18.72 -14.64
CA MET D 192 28.48 19.39 -14.64
C MET D 192 29.65 18.43 -14.43
N SER D 193 29.49 17.41 -13.59
CA SER D 193 30.56 16.47 -13.28
C SER D 193 30.30 15.06 -13.78
N ASN D 194 29.07 14.72 -14.19
CA ASN D 194 28.66 13.33 -14.38
C ASN D 194 29.09 12.83 -15.75
N LEU D 195 30.03 11.89 -15.78
CA LEU D 195 30.49 11.28 -17.02
C LEU D 195 29.45 10.30 -17.55
N ALA D 196 29.10 10.44 -18.82
CA ALA D 196 28.07 9.60 -19.41
C ALA D 196 28.58 8.18 -19.64
N SER D 197 27.63 7.28 -19.92
CA SER D 197 27.97 5.89 -20.18
C SER D 197 28.64 5.74 -21.54
N GLY D 198 29.56 4.79 -21.63
CA GLY D 198 30.26 4.55 -22.88
C GLY D 198 31.30 5.59 -23.24
N VAL D 199 31.61 6.49 -22.32
CA VAL D 199 32.61 7.53 -22.51
C VAL D 199 33.82 7.20 -21.68
N PRO D 200 35.04 7.26 -22.22
CA PRO D 200 36.22 6.89 -21.43
C PRO D 200 36.50 7.90 -20.33
N ASP D 201 37.32 7.46 -19.37
CA ASP D 201 37.66 8.29 -18.22
C ASP D 201 38.45 9.54 -18.60
N ARG D 202 38.95 9.63 -19.83
CA ARG D 202 39.74 10.80 -20.22
C ARG D 202 39.00 12.10 -19.93
N PHE D 203 37.69 12.14 -20.24
CA PHE D 203 36.92 13.37 -20.12
C PHE D 203 36.53 13.64 -18.68
N SER D 204 36.57 14.91 -18.29
CA SER D 204 36.21 15.33 -16.95
C SER D 204 35.53 16.69 -17.02
N GLY D 205 34.59 16.91 -16.10
CA GLY D 205 33.83 18.15 -16.09
C GLY D 205 33.88 18.82 -14.74
N SER D 206 33.96 20.15 -14.76
CA SER D 206 33.97 20.94 -13.54
C SER D 206 33.46 22.34 -13.86
N GLY D 207 33.11 23.08 -12.81
CA GLY D 207 32.61 24.43 -13.00
C GLY D 207 32.15 25.00 -11.67
N SER D 208 31.95 26.32 -11.70
CA SER D 208 31.56 27.09 -10.52
C SER D 208 30.06 27.35 -10.46
N GLY D 209 29.28 26.81 -11.39
CA GLY D 209 27.88 27.13 -11.50
C GLY D 209 27.57 28.28 -12.42
N THR D 210 28.59 29.03 -12.85
CA THR D 210 28.45 30.00 -13.94
C THR D 210 29.55 29.91 -14.97
N ALA D 211 30.70 29.32 -14.66
CA ALA D 211 31.77 29.05 -15.61
C ALA D 211 32.14 27.58 -15.52
N PHE D 212 32.32 26.94 -16.66
CA PHE D 212 32.46 25.49 -16.71
C PHE D 212 33.61 25.12 -17.64
N THR D 213 34.20 23.95 -17.37
CA THR D 213 35.37 23.48 -18.11
C THR D 213 35.24 22.00 -18.40
N LEU D 214 35.54 21.61 -19.64
CA LEU D 214 35.65 20.22 -20.03
C LEU D 214 37.13 19.89 -20.25
N THR D 215 37.61 18.85 -19.59
CA THR D 215 39.00 18.45 -19.64
C THR D 215 39.15 17.10 -20.30
N ILE D 216 40.08 17.00 -21.25
CA ILE D 216 40.48 15.72 -21.84
C ILE D 216 41.91 15.44 -21.38
N SER D 217 42.09 14.35 -20.64
CA SER D 217 43.37 14.10 -19.98
C SER D 217 44.48 13.86 -20.99
N ARG D 218 44.21 13.04 -22.01
CA ARG D 218 45.22 12.74 -23.03
C ARG D 218 44.49 12.54 -24.36
N LEU D 219 44.44 13.60 -25.16
CA LEU D 219 43.66 13.59 -26.39
C LEU D 219 44.14 12.48 -27.32
N GLU D 220 43.18 11.81 -27.96
CA GLU D 220 43.44 10.82 -28.98
C GLU D 220 42.71 11.23 -30.27
N ALA D 221 43.13 10.64 -31.38
CA ALA D 221 42.61 11.06 -32.68
C ALA D 221 41.09 10.96 -32.76
N GLU D 222 40.49 10.02 -32.02
CA GLU D 222 39.03 9.87 -32.06
C GLU D 222 38.30 10.96 -31.30
N ASP D 223 38.99 11.75 -30.48
CA ASP D 223 38.36 12.83 -29.73
C ASP D 223 38.20 14.09 -30.57
N VAL D 224 38.71 14.11 -31.79
CA VAL D 224 38.64 15.32 -32.62
C VAL D 224 37.19 15.59 -32.99
N GLY D 225 36.74 16.81 -32.74
CA GLY D 225 35.40 17.19 -33.12
C GLY D 225 35.03 18.52 -32.48
N VAL D 226 33.75 18.86 -32.60
CA VAL D 226 33.20 20.09 -32.05
C VAL D 226 32.52 19.75 -30.73
N TYR D 227 32.88 20.48 -29.68
CA TYR D 227 32.35 20.25 -28.34
C TYR D 227 31.32 21.32 -28.02
N TYR D 228 30.08 20.90 -27.79
CA TYR D 228 28.97 21.80 -27.51
C TYR D 228 28.56 21.66 -26.05
N CYS D 229 28.50 22.78 -25.34
CA CYS D 229 27.85 22.80 -24.04
C CYS D 229 26.36 23.07 -24.21
N MET D 230 25.59 22.63 -23.22
CA MET D 230 24.15 22.87 -23.23
C MET D 230 23.66 23.02 -21.80
N GLN D 231 22.76 23.96 -21.58
CA GLN D 231 22.13 24.16 -20.29
C GLN D 231 20.76 23.49 -20.28
N HIS D 232 20.39 22.97 -19.11
CA HIS D 232 19.09 22.33 -18.92
C HIS D 232 18.42 22.86 -17.67
N LEU D 233 18.80 24.06 -17.23
CA LEU D 233 18.17 24.64 -16.05
C LEU D 233 16.71 24.93 -16.30
N GLU D 234 16.38 25.44 -17.48
CA GLU D 234 15.01 25.75 -17.83
C GLU D 234 14.91 25.85 -19.34
N TYR D 235 13.71 25.64 -19.86
CA TYR D 235 13.50 25.73 -21.29
C TYR D 235 13.40 27.19 -21.71
N PRO D 236 13.82 27.54 -22.94
CA PRO D 236 14.37 26.64 -23.96
C PRO D 236 15.79 26.19 -23.68
N LEU D 237 16.12 24.96 -24.07
CA LEU D 237 17.49 24.48 -23.95
C LEU D 237 18.36 25.20 -24.99
N THR D 238 19.44 25.82 -24.52
CA THR D 238 20.29 26.63 -25.37
C THR D 238 21.70 26.06 -25.38
N PHE D 239 22.25 25.86 -26.58
CA PHE D 239 23.59 25.34 -26.76
C PHE D 239 24.59 26.49 -26.90
N GLY D 240 25.83 26.20 -26.54
CA GLY D 240 26.92 27.11 -26.84
C GLY D 240 27.28 27.08 -28.31
N ALA D 241 28.08 28.05 -28.73
CA ALA D 241 28.50 28.13 -30.12
C ALA D 241 29.38 26.96 -30.53
N GLY D 242 29.96 26.25 -29.57
CA GLY D 242 30.78 25.09 -29.89
C GLY D 242 32.25 25.46 -30.07
N THR D 243 33.11 24.52 -29.69
CA THR D 243 34.55 24.67 -29.80
C THR D 243 35.11 23.51 -30.62
N LYS D 244 35.67 23.82 -31.78
CA LYS D 244 36.17 22.79 -32.70
C LYS D 244 37.62 22.48 -32.36
N LEU D 245 37.88 21.27 -31.87
CA LEU D 245 39.23 20.78 -31.76
C LEU D 245 39.69 20.21 -33.10
N GLU D 246 40.95 20.46 -33.44
CA GLU D 246 41.52 19.91 -34.67
C GLU D 246 43.02 19.73 -34.48
N LEU D 247 43.60 18.87 -35.32
CA LEU D 247 45.03 18.55 -35.22
C LEU D 247 45.69 18.59 -36.60
N ALA E 9 25.69 -40.77 11.65
CA ALA E 9 26.62 -40.18 10.65
C ALA E 9 26.61 -38.65 10.74
N GLN E 10 25.40 -38.08 10.87
CA GLN E 10 25.28 -36.62 10.95
C GLN E 10 25.84 -36.09 12.27
N ALA E 11 25.68 -36.84 13.36
CA ALA E 11 26.23 -36.43 14.63
C ALA E 11 27.74 -36.24 14.53
N ARG E 12 28.40 -36.97 13.64
CA ARG E 12 29.84 -36.78 13.42
C ARG E 12 30.12 -35.36 12.94
N LYS E 13 29.35 -34.90 11.94
CA LYS E 13 29.56 -33.55 11.42
C LYS E 13 29.13 -32.50 12.42
N LEU E 14 28.08 -32.77 13.20
CA LEU E 14 27.70 -31.85 14.26
C LEU E 14 28.83 -31.68 15.27
N VAL E 15 29.45 -32.79 15.68
CA VAL E 15 30.59 -32.72 16.58
C VAL E 15 31.74 -31.97 15.95
N GLU E 16 32.00 -32.21 14.66
CA GLU E 16 33.09 -31.52 13.98
C GLU E 16 32.85 -30.01 13.93
N GLN E 17 31.59 -29.59 13.79
CA GLN E 17 31.28 -28.16 13.81
C GLN E 17 31.44 -27.59 15.21
N LEU E 18 30.92 -28.31 16.22
CA LEU E 18 31.07 -27.86 17.60
C LEU E 18 32.54 -27.73 17.99
N LYS E 19 33.40 -28.61 17.46
CA LYS E 19 34.82 -28.50 17.73
C LYS E 19 35.36 -27.14 17.29
N MET E 20 35.10 -26.76 16.04
CA MET E 20 35.59 -25.48 15.54
C MET E 20 34.96 -24.32 16.29
N GLU E 21 33.69 -24.45 16.69
CA GLU E 21 33.07 -23.38 17.47
C GLU E 21 33.77 -23.21 18.82
N ALA E 22 34.13 -24.31 19.47
CA ALA E 22 34.83 -24.23 20.74
C ALA E 22 36.23 -23.67 20.58
N ASN E 23 36.91 -24.02 19.48
CA ASN E 23 38.31 -23.65 19.33
C ASN E 23 38.52 -22.15 19.20
N ILE E 24 37.46 -21.39 18.91
CA ILE E 24 37.63 -19.97 18.62
C ILE E 24 38.21 -19.24 19.83
N ASP E 25 38.85 -18.10 19.56
CA ASP E 25 39.38 -17.26 20.62
C ASP E 25 38.23 -16.59 21.39
N ARG E 26 38.53 -16.26 22.65
CA ARG E 26 37.52 -15.69 23.52
C ARG E 26 38.01 -14.38 24.11
N ILE E 27 37.11 -13.42 24.27
CA ILE E 27 37.45 -12.10 24.82
C ILE E 27 36.50 -11.82 25.98
N LYS E 28 37.04 -11.21 27.03
CA LYS E 28 36.22 -10.91 28.20
C LYS E 28 35.12 -9.91 27.85
N VAL E 29 33.92 -10.17 28.39
CA VAL E 29 32.75 -9.34 28.05
C VAL E 29 33.00 -7.89 28.38
N SER E 30 33.78 -7.60 29.42
CA SER E 30 34.01 -6.21 29.81
C SER E 30 34.68 -5.44 28.68
N LYS E 31 35.69 -6.05 28.04
CA LYS E 31 36.38 -5.38 26.95
C LYS E 31 35.45 -5.10 25.77
N ALA E 32 34.61 -6.07 25.43
CA ALA E 32 33.68 -5.89 24.30
C ALA E 32 32.67 -4.79 24.60
N ALA E 33 32.11 -4.79 25.82
CA ALA E 33 31.17 -3.73 26.19
C ALA E 33 31.85 -2.37 26.16
N ALA E 34 33.10 -2.30 26.65
CA ALA E 34 33.83 -1.05 26.61
C ALA E 34 34.07 -0.60 25.17
N ASP E 35 34.37 -1.54 24.27
CA ASP E 35 34.55 -1.19 22.87
C ASP E 35 33.28 -0.63 22.26
N LEU E 36 32.14 -1.27 22.54
CA LEU E 36 30.88 -0.77 22.01
C LEU E 36 30.58 0.62 22.54
N MET E 37 30.80 0.83 23.84
CA MET E 37 30.57 2.15 24.42
C MET E 37 31.51 3.19 23.82
N ALA E 38 32.77 2.82 23.61
CA ALA E 38 33.73 3.74 23.01
C ALA E 38 33.33 4.12 21.59
N TYR E 39 32.87 3.14 20.81
CA TYR E 39 32.40 3.46 19.46
C TYR E 39 31.21 4.41 19.50
N CYS E 40 30.24 4.12 20.38
CA CYS E 40 29.08 4.98 20.48
C CYS E 40 29.48 6.40 20.85
N GLU E 41 30.39 6.54 21.82
CA GLU E 41 30.85 7.87 22.23
C GLU E 41 31.61 8.58 21.12
N ALA E 42 32.47 7.84 20.40
CA ALA E 42 33.29 8.46 19.36
C ALA E 42 32.43 8.97 18.21
N HIS E 43 31.42 8.19 17.81
CA HIS E 43 30.58 8.55 16.68
C HIS E 43 29.26 9.19 17.09
N ALA E 44 29.09 9.52 18.38
CA ALA E 44 27.85 10.12 18.83
C ALA E 44 27.54 11.42 18.10
N LYS E 45 28.56 12.20 17.73
CA LYS E 45 28.33 13.49 17.10
C LYS E 45 27.89 13.37 15.65
N GLU E 46 28.05 12.20 15.03
CA GLU E 46 27.72 12.01 13.62
C GLU E 46 26.46 11.16 13.44
N ASP E 47 25.49 11.32 14.34
CA ASP E 47 24.26 10.53 14.31
C ASP E 47 23.08 11.51 14.29
N PRO E 48 22.56 11.82 13.09
CA PRO E 48 21.46 12.78 13.01
C PRO E 48 20.18 12.33 13.71
N LEU E 49 20.06 11.06 14.05
CA LEU E 49 18.90 10.59 14.82
C LEU E 49 19.14 10.70 16.32
N LEU E 50 20.35 10.34 16.77
CA LEU E 50 20.71 10.52 18.16
C LEU E 50 20.73 11.99 18.53
N THR E 51 21.25 12.84 17.65
CA THR E 51 21.37 14.27 17.87
C THR E 51 20.73 15.02 16.70
N PRO E 52 19.46 15.43 16.81
CA PRO E 52 18.80 16.09 15.69
C PRO E 52 19.59 17.28 15.14
N VAL E 53 19.94 17.23 13.86
CA VAL E 53 20.67 18.31 13.21
C VAL E 53 19.71 19.42 12.82
N PRO E 54 20.17 20.65 12.64
CA PRO E 54 19.26 21.75 12.30
C PRO E 54 18.54 21.49 10.98
N ALA E 55 17.40 22.15 10.83
CA ALA E 55 16.59 22.00 9.62
C ALA E 55 17.36 22.41 8.36
N SER E 56 18.44 23.19 8.51
CA SER E 56 19.24 23.55 7.35
C SER E 56 20.10 22.38 6.87
N GLU E 57 20.57 21.53 7.78
CA GLU E 57 21.30 20.33 7.40
C GLU E 57 20.37 19.15 7.13
N ASN E 58 19.23 19.11 7.80
CA ASN E 58 18.29 18.01 7.61
C ASN E 58 17.80 18.04 6.16
N PRO E 59 18.05 16.99 5.37
CA PRO E 59 17.63 17.02 3.96
C PRO E 59 16.15 16.80 3.75
N PHE E 60 15.43 16.31 4.75
CA PHE E 60 14.00 16.06 4.60
C PHE E 60 13.17 17.29 4.98
N ARG E 61 13.51 17.93 6.10
CA ARG E 61 12.91 19.20 6.48
C ARG E 61 13.89 19.99 7.34
N HIS F 199 -46.10 29.65 25.28
CA HIS F 199 -46.38 28.58 26.28
C HIS F 199 -45.56 27.32 26.00
N PHE F 200 -45.41 27.00 24.72
CA PHE F 200 -44.61 25.82 24.35
C PHE F 200 -43.13 26.00 24.66
N PHE F 201 -42.65 27.23 24.87
CA PHE F 201 -41.22 27.47 24.93
C PHE F 201 -40.54 26.57 25.96
N LEU F 202 -41.03 26.56 27.20
CA LEU F 202 -40.33 25.84 28.27
C LEU F 202 -40.42 24.33 28.07
N PRO F 203 -41.60 23.72 27.96
CA PRO F 203 -41.65 22.27 27.73
C PRO F 203 -40.90 21.83 26.50
N VAL F 204 -41.01 22.59 25.40
CA VAL F 204 -40.35 22.19 24.16
C VAL F 204 -38.84 22.28 24.30
N SER F 205 -38.33 23.33 24.96
CA SER F 205 -36.90 23.42 25.22
C SER F 205 -36.45 22.27 26.10
N VAL F 206 -37.25 21.91 27.10
CA VAL F 206 -36.90 20.80 27.98
C VAL F 206 -36.78 19.51 27.19
N VAL F 207 -37.73 19.28 26.27
CA VAL F 207 -37.69 18.05 25.48
C VAL F 207 -36.53 18.08 24.49
N TYR F 208 -36.20 19.26 23.95
CA TYR F 208 -35.17 19.34 22.93
C TYR F 208 -33.77 19.15 23.53
N VAL F 209 -33.52 19.71 24.72
CA VAL F 209 -32.15 19.70 25.26
C VAL F 209 -31.59 18.28 25.32
N PRO F 210 -32.30 17.29 25.86
CA PRO F 210 -31.77 15.91 25.75
C PRO F 210 -31.52 15.50 24.32
N ILE F 211 -32.47 15.77 23.43
CA ILE F 211 -32.30 15.40 22.02
C ILE F 211 -31.11 16.13 21.43
N PHE F 212 -30.98 17.43 21.73
CA PHE F 212 -29.89 18.20 21.16
C PHE F 212 -28.54 17.65 21.60
N VAL F 213 -28.36 17.45 22.91
CA VAL F 213 -27.07 16.97 23.40
C VAL F 213 -26.78 15.58 22.85
N VAL F 214 -27.77 14.68 22.88
CA VAL F 214 -27.55 13.32 22.40
C VAL F 214 -27.15 13.32 20.93
N GLY F 215 -27.90 14.05 20.09
CA GLY F 215 -27.60 14.04 18.67
C GLY F 215 -26.27 14.70 18.35
N VAL F 216 -25.95 15.80 19.03
CA VAL F 216 -24.69 16.47 18.79
C VAL F 216 -23.53 15.55 19.13
N ILE F 217 -23.55 14.96 20.33
CA ILE F 217 -22.42 14.13 20.73
C ILE F 217 -22.35 12.89 19.86
N GLY F 218 -23.49 12.29 19.52
CA GLY F 218 -23.46 11.10 18.68
C GLY F 218 -22.89 11.37 17.31
N ASN F 219 -23.36 12.42 16.65
CA ASN F 219 -22.86 12.72 15.32
C ASN F 219 -21.40 13.13 15.35
N VAL F 220 -20.98 13.92 16.35
CA VAL F 220 -19.59 14.31 16.45
C VAL F 220 -18.71 13.09 16.68
N LEU F 221 -19.14 12.19 17.57
CA LEU F 221 -18.38 10.96 17.83
C LEU F 221 -18.24 10.14 16.56
N VAL F 222 -19.36 9.93 15.84
CA VAL F 222 -19.30 9.15 14.60
C VAL F 222 -18.33 9.79 13.62
N CYS F 223 -18.45 11.11 13.44
CA CYS F 223 -17.61 11.80 12.48
C CYS F 223 -16.14 11.70 12.86
N LEU F 224 -15.82 11.88 14.14
CA LEU F 224 -14.43 11.82 14.58
C LEU F 224 -13.86 10.41 14.41
N VAL F 225 -14.63 9.39 14.80
CA VAL F 225 -14.16 8.01 14.68
C VAL F 225 -13.90 7.69 13.22
N ILE F 226 -14.83 8.05 12.33
CA ILE F 226 -14.64 7.76 10.91
C ILE F 226 -13.45 8.55 10.35
N LEU F 227 -13.31 9.81 10.77
CA LEU F 227 -12.31 10.68 10.17
C LEU F 227 -10.90 10.36 10.64
N GLN F 228 -10.75 9.88 11.87
CA GLN F 228 -9.42 9.57 12.40
C GLN F 228 -8.95 8.18 11.99
N HIS F 229 -9.76 7.16 12.26
CA HIS F 229 -9.33 5.78 12.06
C HIS F 229 -9.11 5.51 10.57
N GLN F 230 -7.95 4.94 10.25
CA GLN F 230 -7.63 4.64 8.86
C GLN F 230 -8.58 3.62 8.26
N ALA F 231 -8.98 2.61 9.04
CA ALA F 231 -9.85 1.57 8.52
C ALA F 231 -11.21 2.10 8.11
N MET F 232 -11.61 3.27 8.61
CA MET F 232 -12.82 3.94 8.17
C MET F 232 -12.56 4.85 6.97
N LYS F 233 -11.42 5.56 6.97
CA LYS F 233 -11.09 6.44 5.87
C LYS F 233 -11.12 5.70 4.53
N THR F 234 -10.57 4.48 4.49
CA THR F 234 -10.30 3.85 3.21
C THR F 234 -11.59 3.36 2.54
N PRO F 235 -12.43 2.58 3.18
CA PRO F 235 -13.62 2.06 2.49
C PRO F 235 -14.72 3.12 2.44
N THR F 236 -15.87 2.71 1.90
CA THR F 236 -16.97 3.63 1.68
C THR F 236 -17.76 3.89 2.96
N ASN F 237 -17.08 4.43 3.97
CA ASN F 237 -17.75 5.05 5.12
C ASN F 237 -18.10 6.50 4.83
N TYR F 238 -17.83 6.99 3.63
CA TYR F 238 -18.12 8.38 3.29
C TYR F 238 -19.61 8.67 3.36
N TYR F 239 -20.44 7.70 3.01
CA TYR F 239 -21.89 7.92 3.09
C TYR F 239 -22.32 8.15 4.53
N LEU F 240 -21.80 7.36 5.46
CA LEU F 240 -22.15 7.54 6.87
C LEU F 240 -21.53 8.82 7.42
N PHE F 241 -20.34 9.19 6.95
CA PHE F 241 -19.75 10.47 7.32
C PHE F 241 -20.66 11.62 6.89
N SER F 242 -21.11 11.59 5.64
CA SER F 242 -22.00 12.64 5.14
C SER F 242 -23.31 12.65 5.91
N LEU F 243 -23.85 11.47 6.22
CA LEU F 243 -25.10 11.42 6.98
C LEU F 243 -24.92 12.03 8.37
N ALA F 244 -23.80 11.72 9.03
CA ALA F 244 -23.54 12.29 10.35
C ALA F 244 -23.38 13.81 10.25
N VAL F 245 -22.66 14.28 9.24
CA VAL F 245 -22.49 15.72 9.06
C VAL F 245 -23.85 16.38 8.83
N SER F 246 -24.68 15.79 7.98
CA SER F 246 -25.98 16.38 7.67
C SER F 246 -26.87 16.41 8.90
N ASP F 247 -26.86 15.34 9.70
CA ASP F 247 -27.70 15.32 10.89
C ASP F 247 -27.20 16.31 11.94
N LEU F 248 -25.88 16.44 12.09
CA LEU F 248 -25.33 17.45 12.98
C LEU F 248 -25.70 18.85 12.51
N LEU F 249 -25.62 19.09 11.20
CA LEU F 249 -25.94 20.42 10.68
C LEU F 249 -27.41 20.75 10.86
N VAL F 250 -28.31 19.78 10.62
CA VAL F 250 -29.73 20.07 10.85
C VAL F 250 -29.96 20.35 12.32
N LEU F 251 -29.29 19.62 13.21
CA LEU F 251 -29.43 19.91 14.64
C LEU F 251 -28.97 21.32 14.95
N LEU F 252 -27.77 21.69 14.49
CA LEU F 252 -27.23 23.01 14.81
C LEU F 252 -28.10 24.12 14.26
N LEU F 253 -28.60 23.96 13.04
CA LEU F 253 -29.35 25.04 12.41
C LEU F 253 -30.78 25.16 12.93
N GLY F 254 -31.43 24.05 13.26
CA GLY F 254 -32.79 24.11 13.75
C GLY F 254 -32.89 24.31 15.25
N MET F 255 -32.24 23.44 16.03
CA MET F 255 -32.47 23.41 17.47
C MET F 255 -32.27 24.77 18.12
N PRO F 256 -31.07 25.34 18.14
CA PRO F 256 -30.92 26.63 18.84
C PRO F 256 -31.73 27.74 18.21
N LEU F 257 -31.76 27.80 16.87
CA LEU F 257 -32.54 28.84 16.20
C LEU F 257 -34.02 28.67 16.49
N GLU F 258 -34.51 27.43 16.50
CA GLU F 258 -35.93 27.20 16.75
C GLU F 258 -36.31 27.53 18.19
N VAL F 259 -35.47 27.15 19.16
CA VAL F 259 -35.78 27.50 20.54
C VAL F 259 -35.72 29.00 20.75
N TYR F 260 -34.81 29.69 20.05
CA TYR F 260 -34.78 31.15 20.12
C TYR F 260 -36.05 31.75 19.52
N GLU F 261 -36.45 31.28 18.35
CA GLU F 261 -37.58 31.86 17.64
C GLU F 261 -38.92 31.54 18.29
N MET F 262 -39.01 30.46 19.07
CA MET F 262 -40.26 30.18 19.77
C MET F 262 -40.45 31.04 21.00
N TRP F 263 -39.37 31.65 21.50
CA TRP F 263 -39.48 32.63 22.59
C TRP F 263 -39.67 34.03 22.00
N ARG F 264 -38.71 34.48 21.20
CA ARG F 264 -38.77 35.82 20.58
C ARG F 264 -39.30 35.70 19.14
N ASN F 265 -40.47 35.10 19.02
CA ASN F 265 -41.07 34.91 17.69
C ASN F 265 -41.33 36.23 17.00
N TYR F 266 -41.44 37.33 17.77
CA TYR F 266 -41.89 38.59 17.19
C TYR F 266 -40.85 39.16 16.22
N PRO F 267 -39.61 39.42 16.62
CA PRO F 267 -38.60 39.87 15.66
C PRO F 267 -37.85 38.70 15.03
N PHE F 268 -37.06 39.03 14.02
CA PHE F 268 -36.11 38.09 13.42
C PHE F 268 -34.72 38.70 13.48
N LEU F 269 -33.71 37.83 13.60
CA LEU F 269 -32.37 38.26 13.98
C LEU F 269 -31.51 38.75 12.82
N PHE F 270 -31.86 38.43 11.57
CA PHE F 270 -30.97 38.67 10.44
C PHE F 270 -31.72 39.31 9.29
N GLY F 271 -30.95 39.81 8.31
CA GLY F 271 -31.50 40.46 7.15
C GLY F 271 -31.94 39.48 6.09
N PRO F 272 -32.33 40.03 4.93
CA PRO F 272 -32.83 39.15 3.85
C PRO F 272 -31.83 38.10 3.41
N VAL F 273 -30.54 38.43 3.35
CA VAL F 273 -29.55 37.43 3.00
C VAL F 273 -29.45 36.38 4.10
N GLY F 274 -29.58 36.79 5.36
CA GLY F 274 -29.61 35.82 6.44
C GLY F 274 -30.79 34.87 6.33
N CYS F 275 -31.93 35.40 5.90
CA CYS F 275 -33.14 34.58 5.73
C CYS F 275 -32.91 33.62 4.55
N TYR F 276 -32.27 34.05 3.46
CA TYR F 276 -31.95 33.17 2.34
C TYR F 276 -31.00 32.06 2.76
N PHE F 277 -29.97 32.41 3.53
CA PHE F 277 -29.00 31.42 3.97
C PHE F 277 -29.63 30.42 4.92
N LYS F 278 -30.44 30.89 5.88
CA LYS F 278 -31.15 29.97 6.76
C LYS F 278 -31.95 28.96 5.97
N THR F 279 -32.78 29.44 5.04
CA THR F 279 -33.64 28.53 4.29
C THR F 279 -32.82 27.57 3.44
N ALA F 280 -31.81 28.10 2.74
CA ALA F 280 -31.02 27.26 1.85
C ALA F 280 -30.26 26.19 2.63
N LEU F 281 -29.59 26.59 3.71
CA LEU F 281 -28.80 25.64 4.49
C LEU F 281 -29.71 24.57 5.09
N PHE F 282 -30.81 24.97 5.71
CA PHE F 282 -31.68 23.98 6.34
C PHE F 282 -32.26 23.01 5.30
N GLU F 283 -32.78 23.54 4.20
CA GLU F 283 -33.36 22.67 3.18
C GLU F 283 -32.31 21.74 2.59
N THR F 284 -31.11 22.26 2.29
CA THR F 284 -30.10 21.42 1.66
C THR F 284 -29.58 20.37 2.63
N VAL F 285 -29.43 20.67 3.91
CA VAL F 285 -28.97 19.64 4.82
C VAL F 285 -30.05 18.59 5.09
N CYS F 286 -31.33 18.98 5.10
CA CYS F 286 -32.39 17.97 5.21
C CYS F 286 -32.38 17.04 4.00
N PHE F 287 -32.36 17.61 2.80
CA PHE F 287 -32.33 16.79 1.60
C PHE F 287 -31.08 15.93 1.56
N ALA F 288 -29.94 16.47 2.01
CA ALA F 288 -28.71 15.70 2.01
C ALA F 288 -28.78 14.53 2.99
N SER F 289 -29.40 14.72 4.15
CA SER F 289 -29.57 13.60 5.07
C SER F 289 -30.46 12.53 4.45
N ILE F 290 -31.58 12.95 3.86
CA ILE F 290 -32.49 11.98 3.23
C ILE F 290 -31.77 11.20 2.14
N LEU F 291 -31.02 11.89 1.30
CA LEU F 291 -30.37 11.22 0.18
C LEU F 291 -29.18 10.37 0.64
N SER F 292 -28.50 10.77 1.72
CA SER F 292 -27.48 9.91 2.29
C SER F 292 -28.09 8.61 2.80
N ILE F 293 -29.23 8.70 3.48
CA ILE F 293 -29.92 7.49 3.93
C ILE F 293 -30.28 6.61 2.72
N THR F 294 -30.81 7.22 1.67
CA THR F 294 -31.19 6.46 0.49
C THR F 294 -29.97 5.80 -0.16
N THR F 295 -28.86 6.53 -0.24
CA THR F 295 -27.64 5.97 -0.84
C THR F 295 -27.13 4.81 -0.01
N VAL F 296 -27.14 4.95 1.32
CA VAL F 296 -26.73 3.84 2.18
C VAL F 296 -27.61 2.64 1.93
N SER F 297 -28.93 2.84 1.81
CA SER F 297 -29.82 1.73 1.56
C SER F 297 -29.52 1.06 0.21
N VAL F 298 -29.31 1.86 -0.83
CA VAL F 298 -29.06 1.30 -2.16
C VAL F 298 -27.76 0.50 -2.17
N GLU F 299 -26.72 1.07 -1.58
CA GLU F 299 -25.43 0.38 -1.58
C GLU F 299 -25.48 -0.88 -0.74
N ARG F 300 -26.23 -0.87 0.37
CA ARG F 300 -26.43 -2.10 1.13
C ARG F 300 -27.19 -3.13 0.33
N TYR F 301 -28.19 -2.71 -0.45
CA TYR F 301 -28.92 -3.66 -1.28
C TYR F 301 -27.98 -4.31 -2.29
N VAL F 302 -27.11 -3.51 -2.91
CA VAL F 302 -26.11 -4.07 -3.83
C VAL F 302 -25.17 -5.00 -3.08
N ALA F 303 -24.74 -4.59 -1.88
CA ALA F 303 -23.79 -5.38 -1.12
C ALA F 303 -24.34 -6.74 -0.72
N ILE F 304 -25.65 -6.84 -0.53
CA ILE F 304 -26.27 -8.06 -0.03
C ILE F 304 -26.78 -8.95 -1.16
N LEU F 305 -27.45 -8.38 -2.16
CA LEU F 305 -27.96 -9.20 -3.24
C LEU F 305 -26.93 -9.45 -4.32
N HIS F 306 -25.89 -8.61 -4.42
CA HIS F 306 -24.80 -8.80 -5.38
C HIS F 306 -23.48 -8.64 -4.66
N PRO F 307 -23.11 -9.64 -3.83
CA PRO F 307 -21.91 -9.48 -3.00
C PRO F 307 -20.65 -9.20 -3.80
N PHE F 308 -20.46 -9.86 -4.94
CA PHE F 308 -19.25 -9.64 -5.73
C PHE F 308 -19.28 -8.26 -6.37
N ARG F 309 -20.42 -7.86 -6.91
CA ARG F 309 -20.52 -6.53 -7.52
C ARG F 309 -20.06 -5.45 -6.56
N ALA F 310 -20.42 -5.58 -5.29
CA ALA F 310 -20.10 -4.54 -4.32
C ALA F 310 -18.59 -4.34 -4.19
N LYS F 311 -17.84 -5.40 -3.91
CA LYS F 311 -16.42 -5.23 -3.63
C LYS F 311 -15.64 -4.87 -4.89
N LEU F 312 -16.02 -5.44 -6.04
CA LEU F 312 -15.41 -5.04 -7.30
C LEU F 312 -15.69 -3.57 -7.59
N GLN F 313 -16.93 -3.12 -7.36
CA GLN F 313 -17.34 -1.78 -7.75
C GLN F 313 -16.94 -0.72 -6.75
N SER F 314 -16.84 -1.08 -5.47
CA SER F 314 -16.50 -0.10 -4.44
C SER F 314 -15.21 0.64 -4.78
N THR F 315 -15.31 1.97 -4.86
CA THR F 315 -14.15 2.81 -5.15
C THR F 315 -14.33 4.14 -4.46
N ARG F 316 -13.23 4.69 -3.93
CA ARG F 316 -13.29 5.99 -3.28
C ARG F 316 -13.77 7.07 -4.25
N ARG F 317 -13.27 7.04 -5.49
CA ARG F 317 -13.74 7.98 -6.49
C ARG F 317 -15.25 7.87 -6.68
N ARG F 318 -15.76 6.65 -6.80
CA ARG F 318 -17.19 6.46 -6.96
C ARG F 318 -17.96 6.95 -5.74
N ALA F 319 -17.44 6.68 -4.55
CA ALA F 319 -18.09 7.16 -3.33
C ALA F 319 -18.21 8.68 -3.33
N LEU F 320 -17.11 9.37 -3.59
CA LEU F 320 -17.14 10.84 -3.61
C LEU F 320 -18.00 11.37 -4.75
N ARG F 321 -18.03 10.67 -5.89
CA ARG F 321 -18.87 11.11 -7.00
C ARG F 321 -20.35 11.03 -6.63
N ILE F 322 -20.77 9.92 -6.01
CA ILE F 322 -22.15 9.78 -5.58
C ILE F 322 -22.47 10.79 -4.48
N LEU F 323 -21.53 11.02 -3.57
CA LEU F 323 -21.74 12.01 -2.52
C LEU F 323 -21.91 13.40 -3.11
N GLY F 324 -21.13 13.72 -4.14
CA GLY F 324 -21.27 15.00 -4.81
C GLY F 324 -22.60 15.14 -5.51
N ILE F 325 -23.05 14.07 -6.18
CA ILE F 325 -24.40 14.10 -6.76
C ILE F 325 -25.43 14.36 -5.68
N VAL F 326 -25.28 13.70 -4.52
CA VAL F 326 -26.23 13.88 -3.43
C VAL F 326 -26.29 15.33 -2.99
N TRP F 327 -25.13 15.92 -2.69
CA TRP F 327 -25.13 17.28 -2.16
C TRP F 327 -25.50 18.30 -3.22
N GLY F 328 -25.10 18.08 -4.47
CA GLY F 328 -25.50 18.94 -5.56
C GLY F 328 -27.00 18.96 -5.74
N PHE F 329 -27.64 17.79 -5.77
CA PHE F 329 -29.09 17.76 -5.88
C PHE F 329 -29.75 18.39 -4.67
N SER F 330 -29.19 18.17 -3.47
CA SER F 330 -29.76 18.80 -2.28
C SER F 330 -29.75 20.32 -2.40
N VAL F 331 -28.62 20.89 -2.81
CA VAL F 331 -28.55 22.35 -2.92
C VAL F 331 -29.45 22.84 -4.04
N LEU F 332 -29.51 22.11 -5.17
CA LEU F 332 -30.37 22.52 -6.26
C LEU F 332 -31.83 22.55 -5.82
N PHE F 333 -32.30 21.50 -5.15
CA PHE F 333 -33.68 21.46 -4.71
C PHE F 333 -33.95 22.42 -3.56
N SER F 334 -32.92 22.88 -2.86
CA SER F 334 -33.14 23.89 -1.83
C SER F 334 -33.52 25.25 -2.41
N LEU F 335 -33.27 25.48 -3.71
CA LEU F 335 -33.45 26.81 -4.28
C LEU F 335 -34.90 27.29 -4.23
N PRO F 336 -35.90 26.54 -4.70
CA PRO F 336 -37.27 27.10 -4.73
C PRO F 336 -37.74 27.63 -3.38
N ASN F 337 -37.50 26.89 -2.30
CA ASN F 337 -37.88 27.39 -0.98
C ASN F 337 -37.17 28.69 -0.67
N THR F 338 -35.87 28.78 -1.00
CA THR F 338 -35.16 30.03 -0.83
C THR F 338 -35.65 31.11 -1.78
N SER F 339 -36.18 30.71 -2.95
CA SER F 339 -36.69 31.70 -3.89
C SER F 339 -37.95 32.38 -3.37
N ILE F 340 -38.85 31.59 -2.79
CA ILE F 340 -40.13 32.14 -2.33
C ILE F 340 -40.04 32.79 -0.95
N HIS F 341 -39.03 32.46 -0.16
CA HIS F 341 -38.92 32.99 1.19
C HIS F 341 -38.36 34.41 1.19
N GLY F 342 -38.64 35.13 2.28
CA GLY F 342 -38.13 36.47 2.45
C GLY F 342 -38.55 37.01 3.81
N ILE F 343 -38.15 38.27 4.05
CA ILE F 343 -38.49 38.93 5.32
C ILE F 343 -39.73 39.78 5.13
N LYS F 344 -40.59 39.83 6.14
CA LYS F 344 -41.86 40.54 6.09
C LYS F 344 -41.98 41.47 7.29
N PHE F 345 -42.71 42.57 7.11
CA PHE F 345 -42.82 43.63 8.10
C PHE F 345 -44.28 43.89 8.44
N HIS F 346 -44.49 44.44 9.64
CA HIS F 346 -45.81 44.90 10.07
C HIS F 346 -45.83 46.42 10.09
N TYR F 347 -46.77 47.01 9.36
CA TYR F 347 -46.84 48.46 9.20
C TYR F 347 -47.76 49.08 10.25
N PHE F 348 -47.89 50.41 10.19
CA PHE F 348 -48.74 51.18 11.10
C PHE F 348 -48.29 50.95 12.54
N PRO F 349 -47.07 51.39 12.91
CA PRO F 349 -46.52 51.16 14.26
C PRO F 349 -47.32 51.86 15.35
N GLY F 356 -38.58 46.80 16.81
CA GLY F 356 -38.78 46.38 15.44
C GLY F 356 -39.61 45.11 15.35
N SER F 357 -40.12 44.83 14.16
CA SER F 357 -40.97 43.66 13.95
C SER F 357 -40.76 43.16 12.52
N ALA F 358 -40.03 42.06 12.38
CA ALA F 358 -39.83 41.43 11.09
C ALA F 358 -39.68 39.93 11.28
N THR F 359 -40.02 39.17 10.24
CA THR F 359 -40.04 37.72 10.34
C THR F 359 -39.86 37.11 8.95
N CYS F 360 -39.17 35.96 8.91
CA CYS F 360 -39.02 35.22 7.67
C CYS F 360 -40.35 34.54 7.38
N THR F 361 -40.78 34.49 6.13
CA THR F 361 -41.99 33.80 5.74
C THR F 361 -42.00 33.63 4.23
N VAL F 362 -42.95 32.83 3.75
CA VAL F 362 -43.16 32.70 2.31
C VAL F 362 -43.85 33.97 1.83
N ILE F 363 -43.16 34.73 0.96
CA ILE F 363 -43.73 35.98 0.45
C ILE F 363 -44.49 35.74 -0.85
N LYS F 364 -43.94 34.96 -1.78
CA LYS F 364 -44.67 34.62 -2.98
C LYS F 364 -45.97 33.92 -2.59
N PRO F 365 -46.98 33.97 -3.45
CA PRO F 365 -48.28 33.41 -3.08
C PRO F 365 -48.17 31.95 -2.65
N MET F 366 -48.92 31.58 -1.62
CA MET F 366 -48.93 30.21 -1.14
C MET F 366 -49.38 29.24 -2.22
N TRP F 367 -50.07 29.74 -3.26
CA TRP F 367 -50.50 28.89 -4.35
C TRP F 367 -49.35 28.06 -4.90
N ILE F 368 -48.22 28.71 -5.17
CA ILE F 368 -47.06 27.97 -5.66
C ILE F 368 -46.33 27.28 -4.51
N TYR F 369 -46.43 27.81 -3.29
CA TYR F 369 -45.80 27.16 -2.14
C TYR F 369 -46.40 25.78 -1.92
N ASN F 370 -47.71 25.65 -2.10
CA ASN F 370 -48.34 24.34 -1.97
C ASN F 370 -47.77 23.35 -2.98
N PHE F 371 -47.63 23.77 -4.25
CA PHE F 371 -47.05 22.88 -5.25
C PHE F 371 -45.61 22.53 -4.90
N ILE F 372 -44.81 23.53 -4.48
CA ILE F 372 -43.42 23.26 -4.15
C ILE F 372 -43.33 22.25 -3.01
N ILE F 373 -44.16 22.42 -1.98
CA ILE F 373 -44.08 21.54 -0.83
C ILE F 373 -44.59 20.15 -1.17
N GLN F 374 -45.66 20.06 -1.97
CA GLN F 374 -46.13 18.75 -2.38
C GLN F 374 -45.09 18.01 -3.21
N VAL F 375 -44.46 18.70 -4.16
CA VAL F 375 -43.45 18.07 -5.00
C VAL F 375 -42.25 17.62 -4.17
N THR F 376 -41.77 18.49 -3.28
CA THR F 376 -40.63 18.12 -2.45
C THR F 376 -40.98 16.97 -1.51
N SER F 377 -42.16 17.00 -0.90
CA SER F 377 -42.57 15.91 -0.03
C SER F 377 -42.70 14.62 -0.81
N PHE F 378 -43.23 14.66 -2.02
CA PHE F 378 -43.25 13.46 -2.85
C PHE F 378 -41.84 12.94 -3.08
N LEU F 379 -41.00 13.76 -3.73
CA LEU F 379 -39.68 13.30 -4.16
C LEU F 379 -38.79 12.87 -3.01
N PHE F 380 -38.97 13.44 -1.81
CA PHE F 380 -38.02 13.19 -0.72
C PHE F 380 -38.64 12.46 0.46
N TYR F 381 -39.92 12.11 0.41
CA TYR F 381 -40.43 11.15 1.38
C TYR F 381 -40.99 9.93 0.65
N LEU F 382 -41.96 10.14 -0.25
CA LEU F 382 -42.67 8.99 -0.82
C LEU F 382 -41.76 8.18 -1.72
N LEU F 383 -40.93 8.85 -2.53
CA LEU F 383 -39.98 8.13 -3.38
C LEU F 383 -38.93 7.43 -2.52
N PRO F 384 -38.13 8.13 -1.73
CA PRO F 384 -37.15 7.44 -0.88
C PRO F 384 -37.79 6.49 0.12
N MET F 385 -39.00 6.79 0.61
CA MET F 385 -39.64 5.86 1.54
C MET F 385 -39.88 4.52 0.88
N THR F 386 -40.52 4.52 -0.30
CA THR F 386 -40.78 3.27 -0.99
C THR F 386 -39.47 2.60 -1.43
N VAL F 387 -38.51 3.38 -1.90
CA VAL F 387 -37.23 2.81 -2.31
C VAL F 387 -36.58 2.08 -1.13
N ILE F 388 -36.44 2.77 0.00
CA ILE F 388 -35.78 2.18 1.15
C ILE F 388 -36.54 0.96 1.64
N SER F 389 -37.87 1.06 1.74
CA SER F 389 -38.65 -0.06 2.24
C SER F 389 -38.51 -1.28 1.33
N VAL F 390 -38.64 -1.08 0.02
CA VAL F 390 -38.55 -2.20 -0.91
C VAL F 390 -37.15 -2.81 -0.87
N LEU F 391 -36.11 -1.97 -0.88
CA LEU F 391 -34.74 -2.49 -0.91
C LEU F 391 -34.43 -3.28 0.36
N TYR F 392 -34.79 -2.73 1.52
CA TYR F 392 -34.53 -3.46 2.76
C TYR F 392 -35.41 -4.70 2.89
N TYR F 393 -36.61 -4.70 2.31
CA TYR F 393 -37.43 -5.91 2.29
C TYR F 393 -36.77 -6.98 1.44
N LEU F 394 -36.25 -6.61 0.27
CA LEU F 394 -35.54 -7.57 -0.57
C LEU F 394 -34.30 -8.09 0.13
N MET F 395 -33.59 -7.22 0.84
CA MET F 395 -32.43 -7.67 1.61
C MET F 395 -32.83 -8.67 2.68
N ALA F 396 -33.92 -8.38 3.40
CA ALA F 396 -34.41 -9.31 4.41
C ALA F 396 -34.79 -10.66 3.79
N LEU F 397 -35.44 -10.63 2.63
CA LEU F 397 -35.76 -11.88 1.94
C LEU F 397 -34.50 -12.63 1.54
N ARG F 398 -33.51 -11.94 1.00
CA ARG F 398 -32.27 -12.61 0.59
C ARG F 398 -31.56 -13.23 1.78
N LEU F 399 -31.61 -12.58 2.95
CA LEU F 399 -31.03 -13.18 4.14
C LEU F 399 -31.87 -14.32 4.67
N LYS F 400 -33.19 -14.28 4.44
CA LYS F 400 -34.09 -15.32 4.95
C LYS F 400 -33.86 -16.65 4.24
N LYS F 401 -33.80 -16.65 2.91
CA LYS F 401 -33.76 -17.91 2.17
C LYS F 401 -32.51 -18.69 2.52
N ASP F 402 -32.66 -20.01 2.63
CA ASP F 402 -31.66 -20.86 3.26
C ASP F 402 -30.71 -21.44 2.22
N LYS F 403 -29.40 -21.31 2.47
CA LYS F 403 -28.40 -21.89 1.61
C LYS F 403 -28.35 -23.42 1.70
N SER F 404 -28.85 -24.00 2.78
CA SER F 404 -28.66 -25.42 3.04
C SER F 404 -29.41 -26.26 2.01
N LEU F 405 -28.77 -27.35 1.57
CA LEU F 405 -29.44 -28.29 0.67
C LEU F 405 -30.60 -28.99 1.38
N GLU F 406 -30.49 -29.16 2.69
CA GLU F 406 -31.54 -29.78 3.49
C GLU F 406 -31.82 -28.90 4.71
N ALA F 407 -33.10 -28.75 5.04
CA ALA F 407 -33.48 -27.84 6.12
C ALA F 407 -33.05 -28.38 7.47
N ASP F 408 -32.66 -27.46 8.36
CA ASP F 408 -32.39 -27.78 9.75
C ASP F 408 -32.94 -26.65 10.61
N GLU F 409 -33.17 -26.95 11.88
CA GLU F 409 -33.72 -25.96 12.80
C GLU F 409 -33.00 -26.04 14.14
N GLY F 410 -32.87 -24.88 14.78
CA GLY F 410 -32.29 -24.81 16.12
C GLY F 410 -30.80 -25.02 16.18
N ASN F 411 -30.11 -25.04 15.04
CA ASN F 411 -28.67 -25.25 15.03
C ASN F 411 -27.96 -24.06 15.69
N ALA F 412 -26.85 -24.35 16.36
CA ALA F 412 -26.15 -23.36 17.17
C ALA F 412 -25.31 -22.38 16.35
N ASN F 413 -25.23 -22.57 15.03
CA ASN F 413 -24.40 -21.70 14.21
C ASN F 413 -24.90 -20.26 14.27
N ILE F 414 -23.95 -19.31 14.25
CA ILE F 414 -24.26 -17.90 14.43
C ILE F 414 -25.23 -17.39 13.37
N GLN F 415 -25.32 -18.07 12.24
CA GLN F 415 -26.12 -17.57 11.12
C GLN F 415 -27.55 -17.27 11.53
N ARG F 416 -28.13 -18.11 12.40
CA ARG F 416 -29.56 -17.99 12.71
C ARG F 416 -29.85 -16.73 13.53
N PRO F 417 -29.29 -16.56 14.72
CA PRO F 417 -29.51 -15.29 15.43
C PRO F 417 -28.99 -14.10 14.65
N CYS F 418 -27.92 -14.27 13.88
CA CYS F 418 -27.40 -13.18 13.08
C CYS F 418 -28.46 -12.66 12.11
N ARG F 419 -29.06 -13.56 11.32
CA ARG F 419 -30.06 -13.13 10.34
C ARG F 419 -31.30 -12.58 11.03
N LYS F 420 -31.69 -13.15 12.16
CA LYS F 420 -32.85 -12.59 12.88
C LYS F 420 -32.56 -11.16 13.32
N SER F 421 -31.39 -10.91 13.90
CA SER F 421 -31.03 -9.58 14.35
C SER F 421 -30.94 -8.61 13.16
N VAL F 422 -30.39 -9.07 12.03
CA VAL F 422 -30.28 -8.19 10.87
C VAL F 422 -31.66 -7.79 10.37
N ASN F 423 -32.60 -8.74 10.30
CA ASN F 423 -33.95 -8.38 9.92
C ASN F 423 -34.57 -7.38 10.88
N LYS F 424 -34.34 -7.57 12.19
CA LYS F 424 -34.87 -6.62 13.17
C LYS F 424 -34.27 -5.23 12.96
N MET F 425 -32.97 -5.16 12.71
CA MET F 425 -32.32 -3.86 12.50
C MET F 425 -32.84 -3.19 11.23
N LEU F 426 -33.05 -3.95 10.16
CA LEU F 426 -33.60 -3.35 8.94
C LEU F 426 -35.00 -2.80 9.17
N PHE F 427 -35.83 -3.53 9.92
CA PHE F 427 -37.16 -3.00 10.25
C PHE F 427 -37.04 -1.72 11.06
N VAL F 428 -36.12 -1.70 12.02
CA VAL F 428 -35.90 -0.49 12.81
C VAL F 428 -35.51 0.67 11.90
N LEU F 429 -34.61 0.43 10.95
CA LEU F 429 -34.18 1.51 10.06
C LEU F 429 -35.34 2.07 9.26
N VAL F 430 -36.14 1.19 8.66
CA VAL F 430 -37.23 1.67 7.80
C VAL F 430 -38.27 2.41 8.65
N LEU F 431 -38.63 1.86 9.81
CA LEU F 431 -39.62 2.52 10.64
C LEU F 431 -39.11 3.84 11.19
N VAL F 432 -37.83 3.91 11.57
CA VAL F 432 -37.28 5.16 12.06
C VAL F 432 -37.37 6.23 10.97
N PHE F 433 -36.96 5.88 9.75
CA PHE F 433 -37.03 6.86 8.66
C PHE F 433 -38.47 7.34 8.45
N ALA F 434 -39.41 6.39 8.34
CA ALA F 434 -40.80 6.77 8.06
C ALA F 434 -41.37 7.64 9.16
N ILE F 435 -41.23 7.19 10.42
CA ILE F 435 -41.84 7.90 11.53
C ILE F 435 -41.19 9.26 11.73
N CYS F 436 -39.88 9.37 11.50
CA CYS F 436 -39.21 10.64 11.71
C CYS F 436 -39.54 11.66 10.63
N TRP F 437 -39.60 11.23 9.37
CA TRP F 437 -39.76 12.20 8.29
C TRP F 437 -41.21 12.44 7.90
N ALA F 438 -42.15 11.60 8.31
CA ALA F 438 -43.55 11.91 8.05
C ALA F 438 -44.00 13.18 8.75
N PRO F 439 -43.76 13.38 10.05
CA PRO F 439 -44.18 14.64 10.69
C PRO F 439 -43.56 15.86 10.07
N PHE F 440 -42.29 15.77 9.66
CA PHE F 440 -41.62 16.92 9.07
C PHE F 440 -42.37 17.44 7.86
N HIS F 441 -42.73 16.55 6.93
CA HIS F 441 -43.45 16.96 5.73
C HIS F 441 -44.89 17.31 6.06
N ILE F 442 -45.48 16.64 7.07
CA ILE F 442 -46.84 16.95 7.47
C ILE F 442 -46.95 18.40 7.93
N ASP F 443 -45.98 18.86 8.72
CA ASP F 443 -46.00 20.23 9.22
C ASP F 443 -46.07 21.23 8.06
N ARG F 444 -45.15 21.11 7.10
CA ARG F 444 -45.11 22.08 6.01
C ARG F 444 -46.32 21.94 5.09
N LEU F 445 -46.79 20.71 4.85
CA LEU F 445 -48.00 20.55 4.05
C LEU F 445 -49.18 21.22 4.71
N PHE F 446 -49.35 21.01 6.02
CA PHE F 446 -50.41 21.67 6.77
C PHE F 446 -50.33 23.18 6.61
N PHE F 447 -49.15 23.76 6.88
CA PHE F 447 -49.02 25.21 6.81
C PHE F 447 -49.33 25.71 5.39
N SER F 448 -48.92 24.95 4.37
CA SER F 448 -49.17 25.38 3.00
C SER F 448 -50.63 25.28 2.61
N PHE F 449 -51.40 24.37 3.22
CA PHE F 449 -52.80 24.24 2.84
C PHE F 449 -53.64 25.40 3.34
N VAL F 450 -53.40 25.88 4.56
CA VAL F 450 -54.29 26.86 5.19
C VAL F 450 -54.16 28.19 4.48
N GLU F 451 -55.30 28.74 4.04
CA GLU F 451 -55.34 30.06 3.43
C GLU F 451 -55.59 31.16 4.46
N GLU F 452 -56.48 30.92 5.42
CA GLU F 452 -56.80 31.88 6.46
C GLU F 452 -56.93 31.15 7.78
N TRP F 453 -56.33 31.72 8.83
CA TRP F 453 -56.18 31.01 10.09
C TRP F 453 -57.26 31.40 11.10
N SER F 454 -57.32 30.63 12.18
CA SER F 454 -58.22 30.90 13.30
C SER F 454 -57.66 30.23 14.54
N GLU F 455 -58.15 30.66 15.70
CA GLU F 455 -57.55 30.24 16.96
C GLU F 455 -57.43 28.73 17.08
N SER F 456 -58.51 28.00 16.80
CA SER F 456 -58.49 26.55 16.97
C SER F 456 -57.56 25.89 15.96
N LEU F 457 -57.65 26.31 14.69
CA LEU F 457 -56.77 25.74 13.67
C LEU F 457 -55.32 26.08 13.97
N ALA F 458 -55.05 27.31 14.43
CA ALA F 458 -53.70 27.68 14.81
C ALA F 458 -53.19 26.84 15.97
N ALA F 459 -54.04 26.58 16.96
CA ALA F 459 -53.61 25.77 18.11
C ALA F 459 -53.28 24.35 17.70
N VAL F 460 -54.14 23.75 16.87
CA VAL F 460 -53.88 22.38 16.43
C VAL F 460 -52.61 22.34 15.58
N PHE F 461 -52.41 23.36 14.72
CA PHE F 461 -51.19 23.42 13.93
C PHE F 461 -49.96 23.59 14.81
N ASN F 462 -50.06 24.37 15.88
CA ASN F 462 -48.94 24.52 16.80
C ASN F 462 -48.60 23.20 17.47
N LEU F 463 -49.62 22.46 17.90
CA LEU F 463 -49.37 21.13 18.46
C LEU F 463 -48.67 20.24 17.43
N VAL F 464 -49.17 20.25 16.20
CA VAL F 464 -48.57 19.44 15.14
C VAL F 464 -47.12 19.85 14.93
N HIS F 465 -46.86 21.15 14.89
CA HIS F 465 -45.50 21.63 14.65
C HIS F 465 -44.56 21.21 15.77
N VAL F 466 -45.00 21.32 17.02
CA VAL F 466 -44.15 20.94 18.14
C VAL F 466 -43.83 19.45 18.08
N VAL F 467 -44.86 18.62 17.90
CA VAL F 467 -44.63 17.17 17.87
C VAL F 467 -43.75 16.81 16.68
N SER F 468 -43.98 17.45 15.53
CA SER F 468 -43.19 17.15 14.34
C SER F 468 -41.75 17.56 14.54
N GLY F 469 -41.51 18.69 15.19
CA GLY F 469 -40.14 19.07 15.51
C GLY F 469 -39.48 18.07 16.44
N VAL F 470 -40.22 17.59 17.43
CA VAL F 470 -39.68 16.57 18.33
C VAL F 470 -39.24 15.36 17.53
N PHE F 471 -40.13 14.84 16.67
CA PHE F 471 -39.79 13.67 15.86
C PHE F 471 -38.63 13.98 14.91
N PHE F 472 -38.65 15.15 14.29
CA PHE F 472 -37.66 15.48 13.27
C PHE F 472 -36.26 15.56 13.87
N TYR F 473 -36.12 16.20 15.03
CA TYR F 473 -34.81 16.26 15.66
C TYR F 473 -34.43 14.94 16.33
N LEU F 474 -35.42 14.19 16.82
CA LEU F 474 -35.14 12.82 17.23
C LEU F 474 -34.59 12.00 16.07
N SER F 475 -34.98 12.34 14.85
CA SER F 475 -34.41 11.69 13.67
C SER F 475 -32.89 11.81 13.67
N SER F 476 -32.38 13.04 13.80
CA SER F 476 -30.94 13.25 13.80
C SER F 476 -30.28 12.75 15.07
N ALA F 477 -31.03 12.67 16.16
CA ALA F 477 -30.47 12.09 17.38
C ALA F 477 -30.29 10.58 17.25
N VAL F 478 -31.22 9.91 16.56
CA VAL F 478 -31.21 8.46 16.49
C VAL F 478 -30.34 7.97 15.34
N ASN F 479 -30.37 8.64 14.20
CA ASN F 479 -29.69 8.13 13.01
C ASN F 479 -28.25 7.70 13.27
N PRO F 480 -27.39 8.51 13.91
CA PRO F 480 -26.03 8.04 14.15
C PRO F 480 -25.99 6.76 14.96
N ILE F 481 -26.89 6.62 15.94
CA ILE F 481 -26.89 5.42 16.77
C ILE F 481 -27.15 4.18 15.90
N ILE F 482 -28.34 4.13 15.27
CA ILE F 482 -28.73 2.93 14.56
C ILE F 482 -27.81 2.66 13.37
N TYR F 483 -27.25 3.71 12.77
CA TYR F 483 -26.45 3.50 11.56
C TYR F 483 -24.99 3.18 11.85
N ASN F 484 -24.42 3.67 12.94
CA ASN F 484 -23.02 3.41 13.23
C ASN F 484 -22.82 2.66 14.55
N LEU F 485 -23.38 3.19 15.63
CA LEU F 485 -22.98 2.73 16.96
C LEU F 485 -23.41 1.29 17.23
N LEU F 486 -24.59 0.89 16.77
CA LEU F 486 -25.07 -0.47 17.02
C LEU F 486 -24.38 -1.51 16.15
N SER F 487 -23.36 -1.12 15.38
CA SER F 487 -22.63 -2.05 14.53
C SER F 487 -21.30 -2.41 15.16
N ARG F 488 -20.94 -3.70 15.08
CA ARG F 488 -19.73 -4.18 15.73
C ARG F 488 -18.47 -3.54 15.13
N ARG F 489 -18.47 -3.27 13.82
CA ARG F 489 -17.29 -2.67 13.20
C ARG F 489 -17.03 -1.27 13.74
N PHE F 490 -18.08 -0.46 13.86
CA PHE F 490 -17.92 0.87 14.44
C PHE F 490 -17.51 0.77 15.90
N GLN F 491 -18.07 -0.19 16.64
CA GLN F 491 -17.64 -0.38 18.02
C GLN F 491 -16.16 -0.71 18.10
N ALA F 492 -15.67 -1.56 17.21
CA ALA F 492 -14.25 -1.89 17.19
C ALA F 492 -13.40 -0.66 16.89
N ALA F 493 -13.80 0.14 15.90
CA ALA F 493 -13.02 1.33 15.57
C ALA F 493 -13.06 2.35 16.72
N PHE F 494 -14.22 2.48 17.36
CA PHE F 494 -14.37 3.37 18.50
C PHE F 494 -13.48 2.93 19.66
N GLN F 495 -13.45 1.63 19.95
CA GLN F 495 -12.55 1.11 20.98
C GLN F 495 -11.10 1.35 20.59
N ASN F 496 -10.77 1.22 19.30
CA ASN F 496 -9.40 1.46 18.84
C ASN F 496 -9.00 2.91 19.08
N VAL F 497 -9.85 3.87 18.68
CA VAL F 497 -9.50 5.28 18.86
C VAL F 497 -9.49 5.62 20.34
N ILE F 498 -10.29 4.95 21.16
CA ILE F 498 -10.20 5.13 22.61
C ILE F 498 -8.82 4.67 23.10
N SER F 499 -8.41 3.47 22.70
CA SER F 499 -7.16 2.91 23.19
C SER F 499 -5.97 3.77 22.77
N SER F 500 -5.99 4.27 21.52
CA SER F 500 -4.86 5.07 21.05
C SER F 500 -4.75 6.39 21.79
N PHE F 501 -5.78 6.80 22.52
CA PHE F 501 -5.73 8.04 23.30
C PHE F 501 -6.43 7.85 24.65
#